data_2ES4
#
_entry.id   2ES4
#
_cell.length_a   183.000
_cell.length_b   75.700
_cell.length_c   116.600
_cell.angle_alpha   90.00
_cell.angle_beta   117.60
_cell.angle_gamma   90.00
#
_symmetry.space_group_name_H-M   'C 1 2 1'
#
loop_
_entity.id
_entity.type
_entity.pdbx_description
1 polymer Lipase
2 polymer 'Lipase chaperone'
3 non-polymer 'CALCIUM ION'
4 non-polymer 'IODIDE ION'
5 water water
#
loop_
_entity_poly.entity_id
_entity_poly.type
_entity_poly.pdbx_seq_one_letter_code
_entity_poly.pdbx_strand_id
1 'polypeptide(L)'
;ADTYAATRYPVILVHGLAGTDKFANVVDYWYGIQSDLQSHGAKVYVANLSGFQSDDGPNGRGEQLLAYVKQVLAATGATK
VNLIGHSQGGLTSRYVAAVAPQLVASVTTIGTPHRGSEFADFVQDVLKTDPTGLSSTVIAAFVNVFGTLVSSSHNTDQDA
LAALRTLTTAQTATYNRNFPSAGLGAPGSCQTGAATETVGGSQHLLYSWGGTAIQPTSTVLGVTGATDTSTGTLDVANVT
DPSTLALLATGAVMINRASGQNDGLVSRCSSLFGQVISTSYHWNHLDEINQLLGVRGANAEDPVAVIRTHVNRLKLQGV
;
A,B
2 'polypeptide(L)'
;GHHHHHHHHHHSSGHIEGRHMPAAPSPAPAGAVAGGPAAGVPAAASGAAEAAMPLPAALPGALAGSHAPRLPLAAGGRLA
RTRAVREFFDY(CSO)LTAQGELTPAALDALVRREIAAQLDGSPAQAEALGVWRRYRAYFDALAQLPGDGAVLGDKLDPA
AMQLALDQRAALADRTLGEWAEPFFGDEQRRQRHDLERIRIANDTTLSPEQKAARLAALDAQLTPDERAQQAALHAQQDA
VTKIADLQKAGATPDQMRAQIAQTLGPEAAARAAQMQQDDEAWQTRYQAYAAERDRIAAQGLAPQDRDARIAQLRQQTFT
APGEAIRAASLDRGAG
;
D,E
#
loop_
_chem_comp.id
_chem_comp.type
_chem_comp.name
_chem_comp.formula
CA non-polymer 'CALCIUM ION' 'Ca 2'
IOD non-polymer 'IODIDE ION' 'I -1'
#
# COMPACT_ATOMS: atom_id res chain seq x y z
N ALA A 1 -18.97 -31.53 5.11
CA ALA A 1 -19.99 -30.52 4.66
C ALA A 1 -21.40 -31.04 4.89
N ASP A 2 -22.34 -30.13 5.13
CA ASP A 2 -23.73 -30.50 5.38
C ASP A 2 -24.68 -29.44 4.81
N THR A 3 -25.95 -29.50 5.21
CA THR A 3 -26.95 -28.54 4.73
C THR A 3 -27.59 -27.71 5.84
N TYR A 4 -26.88 -27.59 6.96
CA TYR A 4 -27.36 -26.83 8.11
C TYR A 4 -27.74 -25.39 7.76
N ALA A 5 -26.93 -24.76 6.92
CA ALA A 5 -27.17 -23.39 6.50
C ALA A 5 -27.55 -23.27 5.03
N ALA A 6 -28.13 -24.34 4.48
CA ALA A 6 -28.52 -24.35 3.07
C ALA A 6 -29.78 -23.57 2.76
N THR A 7 -29.64 -22.24 2.68
CA THR A 7 -30.78 -21.37 2.38
C THR A 7 -31.23 -21.56 0.94
N ARG A 8 -32.46 -21.16 0.66
CA ARG A 8 -33.02 -21.25 -0.69
C ARG A 8 -32.32 -20.24 -1.60
N TYR A 9 -32.13 -19.03 -1.06
CA TYR A 9 -31.49 -17.96 -1.82
C TYR A 9 -30.07 -17.73 -1.37
N PRO A 10 -29.17 -17.32 -2.30
CA PRO A 10 -27.78 -17.08 -1.91
C PRO A 10 -27.63 -15.94 -0.90
N VAL A 11 -26.60 -16.07 -0.07
CA VAL A 11 -26.29 -15.09 0.96
C VAL A 11 -25.16 -14.20 0.48
N ILE A 12 -25.36 -12.88 0.59
CA ILE A 12 -24.32 -11.94 0.22
C ILE A 12 -23.88 -11.19 1.47
N LEU A 13 -22.60 -11.31 1.82
CA LEU A 13 -22.05 -10.62 2.98
C LEU A 13 -21.62 -9.24 2.50
N VAL A 14 -22.08 -8.20 3.19
CA VAL A 14 -21.80 -6.83 2.79
C VAL A 14 -20.98 -6.08 3.84
N HIS A 15 -19.71 -5.84 3.52
CA HIS A 15 -18.83 -5.13 4.44
C HIS A 15 -19.15 -3.64 4.59
N GLY A 16 -18.57 -3.03 5.61
CA GLY A 16 -18.73 -1.61 5.84
C GLY A 16 -17.33 -1.04 5.82
N LEU A 17 -17.11 -0.03 6.66
CA LEU A 17 -15.80 0.64 6.80
C LEU A 17 -15.23 1.26 5.53
N ALA A 18 -13.90 1.44 5.50
CA ALA A 18 -13.16 2.05 4.40
C ALA A 18 -13.26 1.51 2.97
N GLY A 19 -13.34 0.19 2.80
CA GLY A 19 -13.44 -0.32 1.45
C GLY A 19 -12.91 -1.70 1.22
N THR A 20 -13.50 -2.38 0.23
CA THR A 20 -13.14 -3.74 -0.16
C THR A 20 -13.45 -4.75 0.93
N ASP A 21 -13.47 -6.02 0.53
CA ASP A 21 -13.75 -7.14 1.41
C ASP A 21 -12.49 -7.67 2.11
N LYS A 22 -11.45 -6.85 2.14
CA LYS A 22 -10.19 -7.25 2.76
C LYS A 22 -9.68 -6.27 3.79
N PHE A 23 -8.93 -6.80 4.76
CA PHE A 23 -8.31 -5.99 5.81
C PHE A 23 -6.83 -5.98 5.52
N ALA A 24 -6.28 -4.78 5.27
CA ALA A 24 -4.85 -4.61 4.98
C ALA A 24 -4.42 -5.40 3.73
N ASN A 25 -5.32 -5.51 2.76
CA ASN A 25 -5.09 -6.24 1.49
C ASN A 25 -4.55 -7.66 1.68
N VAL A 26 -4.88 -8.30 2.79
CA VAL A 26 -4.38 -9.64 3.06
C VAL A 26 -5.43 -10.63 3.58
N VAL A 27 -6.15 -10.24 4.64
CA VAL A 27 -7.14 -11.13 5.23
C VAL A 27 -8.56 -10.71 4.91
N ASP A 28 -9.47 -11.69 4.87
CA ASP A 28 -10.88 -11.41 4.60
C ASP A 28 -11.49 -10.56 5.69
N TYR A 29 -12.33 -9.60 5.30
CA TYR A 29 -13.03 -8.72 6.22
C TYR A 29 -13.89 -9.61 7.13
N TRP A 30 -14.63 -10.53 6.50
CA TRP A 30 -15.49 -11.47 7.21
C TRP A 30 -14.60 -12.68 7.49
N TYR A 31 -13.72 -12.55 8.48
CA TYR A 31 -12.77 -13.60 8.80
C TYR A 31 -13.31 -15.01 9.05
N GLY A 32 -12.96 -15.92 8.16
CA GLY A 32 -13.37 -17.32 8.24
C GLY A 32 -14.87 -17.60 8.13
N ILE A 33 -15.65 -16.56 7.84
CA ILE A 33 -17.09 -16.69 7.73
C ILE A 33 -17.62 -17.30 6.44
N GLN A 34 -17.15 -16.80 5.29
CA GLN A 34 -17.63 -17.34 4.01
C GLN A 34 -17.34 -18.84 3.89
N SER A 35 -16.12 -19.26 4.27
CA SER A 35 -15.76 -20.67 4.18
C SER A 35 -16.60 -21.53 5.12
N ASP A 36 -16.88 -21.02 6.31
CA ASP A 36 -17.68 -21.75 7.29
C ASP A 36 -19.10 -21.98 6.78
N LEU A 37 -19.74 -20.91 6.31
CA LEU A 37 -21.09 -21.00 5.79
C LEU A 37 -21.20 -21.91 4.57
N GLN A 38 -20.21 -21.82 3.67
CA GLN A 38 -20.19 -22.66 2.47
C GLN A 38 -20.08 -24.14 2.83
N SER A 39 -19.32 -24.45 3.87
CA SER A 39 -19.16 -25.84 4.31
C SER A 39 -20.49 -26.37 4.85
N HIS A 40 -21.37 -25.47 5.26
CA HIS A 40 -22.68 -25.82 5.78
C HIS A 40 -23.81 -25.74 4.74
N GLY A 41 -23.45 -25.75 3.47
CA GLY A 41 -24.45 -25.76 2.41
C GLY A 41 -24.94 -24.46 1.83
N ALA A 42 -24.51 -23.32 2.36
CA ALA A 42 -24.95 -22.03 1.83
C ALA A 42 -24.10 -21.61 0.64
N LYS A 43 -24.71 -20.88 -0.29
CA LYS A 43 -24.02 -20.34 -1.47
C LYS A 43 -23.77 -18.91 -1.02
N VAL A 44 -22.53 -18.64 -0.64
CA VAL A 44 -22.15 -17.35 -0.10
C VAL A 44 -21.23 -16.53 -0.97
N TYR A 45 -21.65 -15.30 -1.22
CA TYR A 45 -20.89 -14.34 -2.03
C TYR A 45 -20.48 -13.19 -1.15
N VAL A 46 -19.33 -12.61 -1.45
CA VAL A 46 -18.83 -11.49 -0.65
C VAL A 46 -18.69 -10.26 -1.54
N ALA A 47 -19.48 -9.23 -1.22
CA ALA A 47 -19.43 -7.97 -1.96
C ALA A 47 -18.07 -7.31 -1.73
N ASN A 48 -17.60 -6.59 -2.74
CA ASN A 48 -16.31 -5.91 -2.69
C ASN A 48 -16.62 -4.51 -3.17
N LEU A 49 -16.97 -3.64 -2.23
CA LEU A 49 -17.34 -2.27 -2.54
C LEU A 49 -16.18 -1.31 -2.36
N SER A 50 -15.76 -0.71 -3.47
CA SER A 50 -14.65 0.23 -3.46
C SER A 50 -15.06 1.53 -4.15
N GLY A 51 -14.21 2.54 -4.07
CA GLY A 51 -14.53 3.82 -4.69
C GLY A 51 -15.25 4.74 -3.75
N PHE A 52 -16.43 5.21 -4.14
CA PHE A 52 -17.22 6.11 -3.30
C PHE A 52 -17.56 5.50 -1.96
N GLN A 53 -17.34 6.25 -0.90
CA GLN A 53 -17.61 5.81 0.47
C GLN A 53 -19.11 5.80 0.76
N SER A 54 -19.80 6.80 0.23
CA SER A 54 -21.25 6.95 0.43
C SER A 54 -22.07 5.80 -0.15
N ASP A 55 -23.21 5.50 0.48
CA ASP A 55 -24.11 4.46 -0.01
C ASP A 55 -25.06 5.02 -1.05
N ASP A 56 -25.22 6.34 -0.98
CA ASP A 56 -26.15 7.07 -1.83
C ASP A 56 -25.62 7.57 -3.18
N GLY A 57 -26.55 7.88 -4.07
CA GLY A 57 -26.23 8.43 -5.38
C GLY A 57 -25.69 7.53 -6.46
N PRO A 58 -25.42 8.09 -7.65
CA PRO A 58 -24.88 7.32 -8.77
C PRO A 58 -23.50 6.81 -8.37
N ASN A 59 -23.27 5.51 -8.59
CA ASN A 59 -21.99 4.89 -8.27
C ASN A 59 -21.64 4.83 -6.77
N GLY A 60 -22.62 5.13 -5.92
CA GLY A 60 -22.40 5.05 -4.48
C GLY A 60 -22.34 3.57 -4.15
N ARG A 61 -22.11 3.20 -2.89
CA ARG A 61 -22.04 1.78 -2.54
C ARG A 61 -23.34 1.04 -2.75
N GLY A 62 -24.45 1.75 -2.63
CA GLY A 62 -25.73 1.11 -2.85
C GLY A 62 -25.88 0.65 -4.28
N GLU A 63 -25.51 1.52 -5.22
CA GLU A 63 -25.57 1.20 -6.64
C GLU A 63 -24.55 0.11 -6.99
N GLN A 64 -23.41 0.12 -6.29
CA GLN A 64 -22.38 -0.89 -6.51
C GLN A 64 -22.89 -2.26 -6.06
N LEU A 65 -23.57 -2.29 -4.91
CA LEU A 65 -24.12 -3.53 -4.37
C LEU A 65 -25.26 -4.03 -5.25
N LEU A 66 -26.08 -3.09 -5.74
CA LEU A 66 -27.18 -3.42 -6.64
C LEU A 66 -26.65 -4.12 -7.88
N ALA A 67 -25.59 -3.56 -8.47
CA ALA A 67 -24.97 -4.14 -9.66
C ALA A 67 -24.44 -5.54 -9.37
N TYR A 68 -23.81 -5.70 -8.20
CA TYR A 68 -23.25 -6.97 -7.78
C TYR A 68 -24.34 -8.03 -7.58
N VAL A 69 -25.44 -7.63 -6.93
CA VAL A 69 -26.57 -8.54 -6.69
C VAL A 69 -27.09 -9.07 -8.04
N LYS A 70 -27.22 -8.17 -9.01
CA LYS A 70 -27.70 -8.57 -10.34
C LYS A 70 -26.74 -9.52 -11.05
N GLN A 71 -25.44 -9.34 -10.86
CA GLN A 71 -24.43 -10.20 -11.45
C GLN A 71 -24.48 -11.59 -10.82
N VAL A 72 -24.69 -11.64 -9.50
CA VAL A 72 -24.80 -12.91 -8.79
C VAL A 72 -26.04 -13.67 -9.25
N LEU A 73 -27.15 -12.97 -9.40
CA LEU A 73 -28.40 -13.59 -9.86
C LEU A 73 -28.31 -14.06 -11.30
N ALA A 74 -27.61 -13.29 -12.14
CA ALA A 74 -27.44 -13.67 -13.54
C ALA A 74 -26.57 -14.92 -13.66
N ALA A 75 -25.51 -14.98 -12.86
CA ALA A 75 -24.61 -16.12 -12.87
C ALA A 75 -25.23 -17.40 -12.31
N THR A 76 -25.98 -17.26 -11.22
CA THR A 76 -26.58 -18.42 -10.55
C THR A 76 -27.96 -18.85 -11.00
N GLY A 77 -28.78 -17.91 -11.43
CA GLY A 77 -30.14 -18.26 -11.82
C GLY A 77 -31.08 -18.13 -10.66
N ALA A 78 -30.55 -17.72 -9.50
CA ALA A 78 -31.39 -17.51 -8.32
C ALA A 78 -32.19 -16.25 -8.64
N THR A 79 -33.31 -16.04 -7.95
CA THR A 79 -34.15 -14.89 -8.22
C THR A 79 -34.12 -13.82 -7.13
N LYS A 80 -33.58 -14.18 -5.97
CA LYS A 80 -33.50 -13.27 -4.83
C LYS A 80 -32.24 -13.57 -4.03
N VAL A 81 -31.86 -12.66 -3.13
CA VAL A 81 -30.69 -12.85 -2.28
C VAL A 81 -30.97 -12.48 -0.83
N ASN A 82 -30.16 -13.01 0.08
CA ASN A 82 -30.25 -12.69 1.50
C ASN A 82 -29.07 -11.78 1.79
N LEU A 83 -29.33 -10.55 2.18
CA LEU A 83 -28.26 -9.60 2.48
C LEU A 83 -27.95 -9.54 3.96
N ILE A 84 -26.66 -9.67 4.28
CA ILE A 84 -26.18 -9.60 5.66
C ILE A 84 -25.06 -8.57 5.66
N GLY A 85 -25.32 -7.41 6.26
CA GLY A 85 -24.32 -6.36 6.29
C GLY A 85 -23.78 -5.99 7.65
N HIS A 86 -22.52 -5.57 7.68
CA HIS A 86 -21.90 -5.15 8.94
C HIS A 86 -21.57 -3.67 8.86
N SER A 87 -21.81 -2.96 9.97
CA SER A 87 -21.51 -1.53 10.07
C SER A 87 -22.25 -0.77 8.96
N GLN A 88 -21.52 -0.01 8.14
CA GLN A 88 -22.17 0.70 7.04
C GLN A 88 -22.81 -0.28 6.07
N GLY A 89 -22.30 -1.52 6.04
CA GLY A 89 -22.85 -2.54 5.16
C GLY A 89 -24.34 -2.79 5.36
N GLY A 90 -24.84 -2.47 6.55
CA GLY A 90 -26.26 -2.63 6.83
C GLY A 90 -27.06 -1.57 6.12
N LEU A 91 -26.49 -0.38 6.02
CA LEU A 91 -27.14 0.74 5.33
C LEU A 91 -27.10 0.51 3.83
N THR A 92 -26.00 -0.07 3.35
CA THR A 92 -25.84 -0.38 1.93
C THR A 92 -26.90 -1.41 1.51
N SER A 93 -27.12 -2.40 2.39
CA SER A 93 -28.10 -3.45 2.14
C SER A 93 -29.51 -2.88 2.07
N ARG A 94 -29.79 -1.90 2.93
CA ARG A 94 -31.09 -1.23 2.94
C ARG A 94 -31.34 -0.51 1.62
N TYR A 95 -30.26 0.02 1.01
CA TYR A 95 -30.38 0.69 -0.28
C TYR A 95 -30.97 -0.26 -1.32
N VAL A 96 -30.35 -1.42 -1.47
CA VAL A 96 -30.78 -2.42 -2.44
C VAL A 96 -32.21 -2.90 -2.18
N ALA A 97 -32.55 -3.16 -0.92
CA ALA A 97 -33.89 -3.60 -0.56
C ALA A 97 -34.95 -2.54 -0.90
N ALA A 98 -34.54 -1.27 -0.86
CA ALA A 98 -35.45 -0.18 -1.16
C ALA A 98 -35.65 0.08 -2.66
N VAL A 99 -34.57 0.00 -3.45
CA VAL A 99 -34.63 0.26 -4.89
C VAL A 99 -34.94 -0.94 -5.78
N ALA A 100 -34.68 -2.13 -5.27
CA ALA A 100 -34.94 -3.37 -6.01
C ALA A 100 -35.52 -4.38 -5.02
N PRO A 101 -36.71 -4.06 -4.45
CA PRO A 101 -37.34 -4.96 -3.48
C PRO A 101 -37.61 -6.38 -3.92
N GLN A 102 -37.84 -6.58 -5.21
CA GLN A 102 -38.11 -7.91 -5.76
C GLN A 102 -36.90 -8.83 -5.78
N LEU A 103 -35.70 -8.26 -5.63
CA LEU A 103 -34.47 -9.06 -5.66
C LEU A 103 -33.97 -9.45 -4.28
N VAL A 104 -34.65 -8.96 -3.24
CA VAL A 104 -34.22 -9.24 -1.88
C VAL A 104 -35.24 -10.05 -1.08
N ALA A 105 -34.74 -11.06 -0.37
CA ALA A 105 -35.59 -11.90 0.47
C ALA A 105 -35.50 -11.51 1.93
N SER A 106 -34.32 -11.02 2.34
CA SER A 106 -34.10 -10.62 3.72
C SER A 106 -32.97 -9.63 3.85
N VAL A 107 -33.04 -8.83 4.92
CA VAL A 107 -32.00 -7.85 5.22
C VAL A 107 -31.63 -8.02 6.70
N THR A 108 -30.37 -8.33 6.94
CA THR A 108 -29.86 -8.51 8.30
C THR A 108 -28.73 -7.51 8.51
N THR A 109 -28.79 -6.75 9.61
CA THR A 109 -27.74 -5.79 9.89
C THR A 109 -27.00 -6.14 11.19
N ILE A 110 -25.68 -6.09 11.15
CA ILE A 110 -24.85 -6.41 12.31
C ILE A 110 -24.07 -5.17 12.71
N GLY A 111 -24.32 -4.66 13.91
CA GLY A 111 -23.62 -3.46 14.39
C GLY A 111 -23.75 -2.28 13.44
N THR A 112 -24.93 -2.11 12.87
CA THR A 112 -25.18 -1.01 11.94
C THR A 112 -25.76 0.19 12.68
N PRO A 113 -25.11 1.36 12.55
CA PRO A 113 -25.61 2.56 13.22
C PRO A 113 -26.73 3.23 12.42
N HIS A 114 -27.91 2.62 12.44
CA HIS A 114 -29.06 3.14 11.71
C HIS A 114 -29.42 4.56 12.13
N ARG A 115 -29.11 4.89 13.39
CA ARG A 115 -29.38 6.22 13.91
C ARG A 115 -28.11 7.03 14.12
N GLY A 116 -27.01 6.54 13.55
CA GLY A 116 -25.74 7.24 13.67
C GLY A 116 -24.87 6.79 14.81
N SER A 117 -23.64 7.29 14.83
CA SER A 117 -22.65 6.95 15.84
C SER A 117 -22.24 8.20 16.60
N GLU A 118 -22.23 8.13 17.93
CA GLU A 118 -21.82 9.26 18.75
C GLU A 118 -20.34 9.55 18.55
N PHE A 119 -19.56 8.51 18.26
CA PHE A 119 -18.14 8.70 18.02
C PHE A 119 -17.90 9.44 16.71
N ALA A 120 -18.71 9.11 15.70
CA ALA A 120 -18.62 9.76 14.40
C ALA A 120 -18.93 11.24 14.59
N ASP A 121 -19.87 11.53 15.50
CA ASP A 121 -20.25 12.90 15.81
C ASP A 121 -19.12 13.62 16.51
N PHE A 122 -18.51 12.91 17.47
CA PHE A 122 -17.37 13.43 18.23
C PHE A 122 -16.27 13.86 17.27
N VAL A 123 -15.88 12.96 16.37
CA VAL A 123 -14.85 13.21 15.39
C VAL A 123 -15.21 14.41 14.52
N GLN A 124 -16.49 14.48 14.13
CA GLN A 124 -16.98 15.59 13.31
C GLN A 124 -16.75 16.93 14.00
N ASP A 125 -17.00 16.98 15.30
CA ASP A 125 -16.81 18.20 16.08
C ASP A 125 -15.34 18.55 16.26
N VAL A 126 -14.52 17.53 16.54
CA VAL A 126 -13.08 17.73 16.74
C VAL A 126 -12.41 18.30 15.50
N LEU A 127 -12.81 17.79 14.33
CA LEU A 127 -12.26 18.24 13.05
C LEU A 127 -12.60 19.67 12.69
N LYS A 128 -13.52 20.27 13.45
CA LYS A 128 -13.93 21.66 13.21
C LYS A 128 -12.83 22.63 13.64
N THR A 129 -11.95 22.16 14.51
CA THR A 129 -10.84 22.97 15.01
C THR A 129 -9.50 22.35 14.63
N ASP A 130 -9.50 21.04 14.44
CA ASP A 130 -8.31 20.29 14.07
C ASP A 130 -8.67 19.27 12.99
N PRO A 131 -8.31 19.56 11.73
CA PRO A 131 -8.59 18.67 10.58
C PRO A 131 -7.96 17.28 10.68
N THR A 132 -6.84 17.17 11.39
CA THR A 132 -6.16 15.89 11.55
C THR A 132 -6.86 15.02 12.59
N GLY A 133 -7.44 15.67 13.60
CA GLY A 133 -8.12 14.94 14.66
C GLY A 133 -7.14 14.32 15.64
N LEU A 134 -5.86 14.37 15.31
CA LEU A 134 -4.79 13.81 16.14
C LEU A 134 -4.64 14.53 17.46
N SER A 135 -5.24 15.72 17.57
CA SER A 135 -5.21 16.49 18.81
C SER A 135 -5.96 15.72 19.90
N SER A 136 -6.63 14.65 19.48
CA SER A 136 -7.37 13.77 20.36
C SER A 136 -6.65 12.43 20.44
N THR A 137 -6.32 12.02 21.66
CA THR A 137 -5.64 10.75 21.89
C THR A 137 -6.50 9.57 21.45
N VAL A 138 -7.81 9.68 21.67
CA VAL A 138 -8.76 8.64 21.29
C VAL A 138 -8.84 8.53 19.77
N ILE A 139 -9.01 9.67 19.09
CA ILE A 139 -9.08 9.69 17.63
C ILE A 139 -7.77 9.17 17.05
N ALA A 140 -6.65 9.52 17.70
CA ALA A 140 -5.33 9.08 17.27
C ALA A 140 -5.23 7.56 17.38
N ALA A 141 -5.80 7.00 18.44
CA ALA A 141 -5.80 5.56 18.68
C ALA A 141 -6.66 4.85 17.65
N PHE A 142 -7.82 5.45 17.35
CA PHE A 142 -8.75 4.90 16.37
C PHE A 142 -8.07 4.81 15.00
N VAL A 143 -7.54 5.95 14.55
CA VAL A 143 -6.86 6.04 13.26
C VAL A 143 -5.69 5.06 13.15
N ASN A 144 -4.95 4.89 14.25
CA ASN A 144 -3.82 3.99 14.29
C ASN A 144 -4.22 2.54 13.99
N VAL A 145 -5.31 2.09 14.59
CA VAL A 145 -5.79 0.73 14.39
C VAL A 145 -6.52 0.56 13.05
N PHE A 146 -7.61 1.30 12.87
CA PHE A 146 -8.40 1.22 11.65
C PHE A 146 -7.67 1.64 10.40
N GLY A 147 -6.69 2.54 10.55
CA GLY A 147 -5.91 2.97 9.42
C GLY A 147 -5.08 1.84 8.85
N THR A 148 -4.65 0.91 9.69
CA THR A 148 -3.85 -0.23 9.25
C THR A 148 -4.71 -1.33 8.59
N LEU A 149 -6.03 -1.20 8.71
CA LEU A 149 -6.96 -2.17 8.15
C LEU A 149 -7.44 -1.82 6.75
N VAL A 150 -7.35 -0.53 6.41
CA VAL A 150 -7.78 -0.04 5.10
C VAL A 150 -7.01 -0.71 3.96
N SER A 151 -7.76 -1.19 2.98
CA SER A 151 -7.19 -1.86 1.83
C SER A 151 -7.28 -1.04 0.55
N SER A 152 -6.42 -1.35 -0.42
CA SER A 152 -6.38 -0.67 -1.72
C SER A 152 -6.39 0.87 -1.59
N SER A 153 -5.62 1.36 -0.62
CA SER A 153 -5.53 2.80 -0.37
C SER A 153 -4.10 3.22 -0.07
N HIS A 154 -3.73 4.38 -0.60
CA HIS A 154 -2.40 4.93 -0.39
C HIS A 154 -2.43 6.05 0.65
N ASN A 155 -3.60 6.22 1.28
CA ASN A 155 -3.80 7.25 2.31
C ASN A 155 -4.83 6.76 3.32
N THR A 156 -4.47 5.68 4.01
CA THR A 156 -5.31 5.03 5.01
C THR A 156 -5.80 5.90 6.15
N ASP A 157 -4.93 6.77 6.67
CA ASP A 157 -5.31 7.67 7.76
C ASP A 157 -6.52 8.51 7.40
N GLN A 158 -6.48 9.12 6.22
CA GLN A 158 -7.59 9.96 5.75
C GLN A 158 -8.83 9.12 5.48
N ASP A 159 -8.66 7.98 4.81
CA ASP A 159 -9.78 7.09 4.49
C ASP A 159 -10.47 6.51 5.72
N ALA A 160 -9.68 6.20 6.75
CA ALA A 160 -10.22 5.65 8.00
C ALA A 160 -11.17 6.64 8.65
N LEU A 161 -10.83 7.93 8.56
CA LEU A 161 -11.66 9.00 9.11
C LEU A 161 -12.85 9.31 8.22
N ALA A 162 -12.64 9.26 6.91
CA ALA A 162 -13.69 9.54 5.93
C ALA A 162 -14.82 8.51 6.07
N ALA A 163 -14.46 7.30 6.48
CA ALA A 163 -15.41 6.21 6.68
C ALA A 163 -16.45 6.52 7.77
N LEU A 164 -16.13 7.50 8.62
CA LEU A 164 -17.02 7.91 9.70
C LEU A 164 -18.07 8.94 9.28
N ARG A 165 -17.80 9.65 8.18
CA ARG A 165 -18.71 10.69 7.68
C ARG A 165 -20.12 10.20 7.38
N THR A 166 -20.23 8.96 6.91
CA THR A 166 -21.52 8.39 6.58
C THR A 166 -22.28 7.91 7.81
N LEU A 167 -21.59 7.86 8.94
CA LEU A 167 -22.16 7.35 10.18
C LEU A 167 -22.57 8.36 11.24
N THR A 168 -22.52 9.65 10.91
CA THR A 168 -22.91 10.67 11.88
C THR A 168 -24.42 10.64 12.07
N THR A 169 -24.89 11.21 13.19
CA THR A 169 -26.31 11.26 13.48
C THR A 169 -27.05 12.04 12.39
N ALA A 170 -26.43 13.12 11.92
CA ALA A 170 -27.02 13.96 10.88
C ALA A 170 -27.12 13.25 9.53
N GLN A 171 -26.05 12.58 9.13
CA GLN A 171 -26.03 11.87 7.86
C GLN A 171 -26.99 10.70 7.79
N THR A 172 -27.05 9.92 8.88
CA THR A 172 -27.95 8.77 8.92
C THR A 172 -29.41 9.20 8.99
N ALA A 173 -29.66 10.34 9.62
CA ALA A 173 -31.03 10.88 9.73
C ALA A 173 -31.54 11.22 8.33
N THR A 174 -30.66 11.82 7.52
CA THR A 174 -30.99 12.18 6.14
C THR A 174 -31.19 10.90 5.32
N TYR A 175 -30.29 9.93 5.54
CA TYR A 175 -30.37 8.65 4.84
C TYR A 175 -31.70 7.95 5.12
N ASN A 176 -32.14 7.98 6.38
CA ASN A 176 -33.40 7.33 6.75
C ASN A 176 -34.61 8.01 6.16
N ARG A 177 -34.51 9.31 5.91
CA ARG A 177 -35.61 10.05 5.30
C ARG A 177 -35.66 9.74 3.81
N ASN A 178 -34.49 9.54 3.22
CA ASN A 178 -34.38 9.21 1.79
C ASN A 178 -34.69 7.75 1.50
N PHE A 179 -34.45 6.89 2.49
CA PHE A 179 -34.70 5.45 2.36
C PHE A 179 -35.45 4.91 3.57
N PRO A 180 -36.76 5.26 3.69
CA PRO A 180 -37.60 4.82 4.80
C PRO A 180 -37.68 3.30 4.90
N SER A 181 -37.86 2.79 6.11
CA SER A 181 -37.97 1.36 6.33
C SER A 181 -38.85 1.07 7.51
N ALA A 182 -39.76 0.10 7.32
CA ALA A 182 -40.67 -0.31 8.39
C ALA A 182 -39.89 -1.01 9.50
N GLY A 183 -38.64 -1.38 9.21
CA GLY A 183 -37.80 -2.04 10.20
C GLY A 183 -37.26 -1.12 11.27
N LEU A 184 -37.35 0.18 11.03
CA LEU A 184 -36.89 1.17 11.98
C LEU A 184 -38.01 1.63 12.89
N GLY A 185 -37.70 1.79 14.18
CA GLY A 185 -38.70 2.24 15.14
C GLY A 185 -38.82 3.75 15.13
N ALA A 186 -39.62 4.28 16.05
CA ALA A 186 -39.82 5.73 16.15
C ALA A 186 -38.51 6.40 16.57
N PRO A 187 -38.07 7.44 15.84
CA PRO A 187 -36.82 8.15 16.15
C PRO A 187 -36.71 8.62 17.60
N GLY A 188 -35.68 8.15 18.30
CA GLY A 188 -35.45 8.52 19.68
C GLY A 188 -36.21 7.69 20.72
N SER A 189 -36.78 6.57 20.30
CA SER A 189 -37.54 5.71 21.21
C SER A 189 -36.75 4.49 21.66
N CYS A 190 -35.58 4.30 21.04
CA CYS A 190 -34.70 3.16 21.33
C CYS A 190 -35.45 1.83 21.26
N GLN A 191 -36.34 1.72 20.27
CA GLN A 191 -37.14 0.51 20.04
C GLN A 191 -37.05 0.19 18.58
N THR A 192 -37.10 -1.10 18.24
CA THR A 192 -37.03 -1.51 16.84
C THR A 192 -38.37 -1.35 16.13
N GLY A 193 -38.38 -1.59 14.82
CA GLY A 193 -39.60 -1.50 14.06
C GLY A 193 -40.24 -2.84 13.85
N ALA A 194 -40.75 -3.07 12.64
CA ALA A 194 -41.41 -4.33 12.28
C ALA A 194 -40.42 -5.40 11.87
N ALA A 195 -40.79 -6.66 12.07
CA ALA A 195 -39.94 -7.80 11.72
C ALA A 195 -39.92 -8.06 10.22
N THR A 196 -40.91 -7.54 9.51
CA THR A 196 -41.02 -7.72 8.07
C THR A 196 -41.49 -6.41 7.46
N GLU A 197 -41.34 -6.30 6.14
CA GLU A 197 -41.80 -5.11 5.44
C GLU A 197 -42.37 -5.53 4.11
N THR A 198 -43.33 -4.74 3.65
CA THR A 198 -43.96 -4.98 2.36
C THR A 198 -43.58 -3.77 1.50
N VAL A 199 -42.83 -4.04 0.43
CA VAL A 199 -42.39 -3.00 -0.50
C VAL A 199 -42.94 -3.45 -1.83
N GLY A 200 -43.89 -2.71 -2.38
CA GLY A 200 -44.53 -3.12 -3.61
C GLY A 200 -45.27 -4.39 -3.21
N GLY A 201 -45.12 -5.46 -3.98
CA GLY A 201 -45.76 -6.72 -3.62
C GLY A 201 -44.77 -7.67 -2.96
N SER A 202 -43.52 -7.23 -2.79
CA SER A 202 -42.46 -8.04 -2.19
C SER A 202 -42.45 -7.98 -0.68
N GLN A 203 -42.11 -9.11 -0.05
CA GLN A 203 -42.03 -9.21 1.41
C GLN A 203 -40.58 -9.47 1.82
N HIS A 204 -40.08 -8.69 2.77
CA HIS A 204 -38.72 -8.85 3.26
C HIS A 204 -38.70 -9.19 4.73
N LEU A 205 -37.82 -10.12 5.12
CA LEU A 205 -37.63 -10.47 6.52
C LEU A 205 -36.50 -9.57 6.97
N LEU A 206 -36.70 -8.82 8.05
CA LEU A 206 -35.70 -7.88 8.55
C LEU A 206 -35.14 -8.32 9.89
N TYR A 207 -33.82 -8.27 10.04
CA TYR A 207 -33.15 -8.70 11.27
C TYR A 207 -31.97 -7.84 11.62
N SER A 208 -31.51 -7.98 12.86
CA SER A 208 -30.34 -7.25 13.33
C SER A 208 -29.86 -7.76 14.66
N TRP A 209 -28.61 -7.40 14.96
CA TRP A 209 -28.00 -7.69 16.25
C TRP A 209 -26.84 -6.73 16.38
N GLY A 210 -26.34 -6.59 17.60
CA GLY A 210 -25.21 -5.70 17.81
C GLY A 210 -24.47 -6.14 19.04
N GLY A 211 -23.31 -5.55 19.26
CA GLY A 211 -22.49 -5.88 20.42
C GLY A 211 -22.58 -4.79 21.47
N THR A 212 -22.54 -5.20 22.73
CA THR A 212 -22.60 -4.25 23.84
C THR A 212 -21.50 -4.54 24.86
N ALA A 213 -20.30 -4.85 24.36
CA ALA A 213 -19.15 -5.11 25.24
C ALA A 213 -18.81 -3.92 26.10
N ILE A 214 -18.96 -2.73 25.55
CA ILE A 214 -18.65 -1.50 26.27
C ILE A 214 -19.84 -1.03 27.09
N GLN A 215 -19.69 -1.13 28.41
CA GLN A 215 -20.74 -0.76 29.35
C GLN A 215 -20.35 0.43 30.21
N PRO A 216 -21.33 1.30 30.55
CA PRO A 216 -21.03 2.46 31.40
C PRO A 216 -20.91 2.02 32.85
N THR A 217 -20.09 2.72 33.63
CA THR A 217 -19.89 2.39 35.03
C THR A 217 -20.53 3.43 35.95
N SER A 218 -19.68 4.27 36.55
CA SER A 218 -20.14 5.32 37.47
C SER A 218 -19.92 6.70 36.88
N THR A 219 -20.22 7.73 37.67
CA THR A 219 -20.07 9.12 37.26
C THR A 219 -19.74 10.01 38.46
N VAL A 223 -18.47 13.06 34.29
CA VAL A 223 -17.86 12.08 33.39
C VAL A 223 -18.22 10.65 33.80
N THR A 224 -18.83 9.93 32.87
CA THR A 224 -19.21 8.53 33.12
C THR A 224 -18.09 7.59 32.71
N GLY A 225 -17.83 6.59 33.55
CA GLY A 225 -16.79 5.61 33.23
C GLY A 225 -17.30 4.53 32.31
N ALA A 226 -16.40 3.70 31.81
CA ALA A 226 -16.75 2.61 30.91
C ALA A 226 -15.86 1.40 31.10
N THR A 227 -16.43 0.22 30.88
CA THR A 227 -15.68 -1.04 31.03
C THR A 227 -15.95 -1.97 29.86
N ASP A 228 -14.95 -2.79 29.55
CA ASP A 228 -15.05 -3.76 28.46
C ASP A 228 -15.44 -5.11 29.05
N THR A 229 -16.70 -5.50 28.84
CA THR A 229 -17.22 -6.76 29.36
C THR A 229 -16.91 -7.98 28.48
N SER A 230 -16.19 -7.77 27.38
CA SER A 230 -15.82 -8.87 26.50
C SER A 230 -14.58 -9.57 27.03
N THR A 231 -13.79 -8.83 27.81
CA THR A 231 -12.56 -9.35 28.37
C THR A 231 -12.63 -9.50 29.88
N GLY A 232 -11.88 -10.46 30.42
CA GLY A 232 -11.85 -10.65 31.86
C GLY A 232 -11.09 -9.48 32.47
N THR A 233 -10.89 -9.50 33.79
CA THR A 233 -10.14 -8.44 34.47
C THR A 233 -8.81 -8.16 33.75
N LEU A 234 -8.25 -9.21 33.17
CA LEU A 234 -7.02 -9.13 32.41
C LEU A 234 -7.08 -10.18 31.31
N ASP A 235 -7.08 -9.73 30.06
CA ASP A 235 -7.16 -10.66 28.93
C ASP A 235 -6.05 -10.45 27.90
N VAL A 236 -5.67 -11.54 27.25
CA VAL A 236 -4.63 -11.53 26.22
C VAL A 236 -5.08 -10.84 24.95
N ALA A 237 -6.40 -10.62 24.82
CA ALA A 237 -6.97 -9.96 23.64
C ALA A 237 -6.52 -8.52 23.56
N ASN A 238 -6.25 -7.92 24.73
CA ASN A 238 -5.79 -6.53 24.81
C ASN A 238 -4.36 -6.39 24.30
N VAL A 239 -3.70 -7.54 24.10
CA VAL A 239 -2.32 -7.55 23.62
C VAL A 239 -2.20 -8.01 22.17
N THR A 240 -2.97 -9.04 21.81
CA THR A 240 -2.93 -9.58 20.46
C THR A 240 -3.84 -8.84 19.48
N ASP A 241 -4.89 -8.24 20.00
CA ASP A 241 -5.84 -7.50 19.18
C ASP A 241 -5.82 -6.04 19.63
N PRO A 242 -5.07 -5.17 18.93
CA PRO A 242 -4.98 -3.75 19.27
C PRO A 242 -6.29 -2.96 19.20
N SER A 243 -7.28 -3.50 18.49
CA SER A 243 -8.57 -2.84 18.37
C SER A 243 -9.37 -2.92 19.66
N THR A 244 -9.04 -3.90 20.51
CA THR A 244 -9.74 -4.10 21.77
C THR A 244 -9.69 -2.86 22.66
N LEU A 245 -8.48 -2.39 22.98
CA LEU A 245 -8.34 -1.21 23.82
C LEU A 245 -8.82 0.05 23.11
N ALA A 246 -8.59 0.14 21.81
CA ALA A 246 -9.00 1.29 21.01
C ALA A 246 -10.53 1.46 21.03
N LEU A 247 -11.25 0.35 20.87
CA LEU A 247 -12.71 0.37 20.88
C LEU A 247 -13.29 0.67 22.25
N LEU A 248 -12.52 0.37 23.30
CA LEU A 248 -12.93 0.67 24.65
C LEU A 248 -12.90 2.19 24.81
N ALA A 249 -11.83 2.80 24.29
CA ALA A 249 -11.63 4.24 24.36
C ALA A 249 -12.69 5.00 23.56
N THR A 250 -12.94 4.54 22.32
CA THR A 250 -13.95 5.18 21.47
C THR A 250 -15.34 4.99 22.09
N GLY A 251 -15.56 3.83 22.70
CA GLY A 251 -16.82 3.53 23.35
C GLY A 251 -17.04 4.37 24.60
N ALA A 252 -15.94 4.75 25.25
CA ALA A 252 -15.98 5.58 26.45
C ALA A 252 -16.43 6.98 26.06
N VAL A 253 -15.91 7.46 24.94
CA VAL A 253 -16.27 8.78 24.41
C VAL A 253 -17.76 8.81 24.09
N MET A 254 -18.25 7.71 23.52
CA MET A 254 -19.67 7.60 23.18
C MET A 254 -20.53 7.66 24.43
N ILE A 255 -20.13 6.91 25.46
CA ILE A 255 -20.86 6.89 26.73
C ILE A 255 -20.97 8.28 27.35
N ASN A 256 -19.93 9.09 27.18
CA ASN A 256 -19.92 10.45 27.70
C ASN A 256 -20.76 11.40 26.86
N ARG A 257 -21.29 10.88 25.74
CA ARG A 257 -22.14 11.65 24.85
C ARG A 257 -23.55 11.08 24.95
N ALA A 258 -23.79 10.33 26.03
CA ALA A 258 -25.09 9.71 26.34
C ALA A 258 -25.53 8.60 25.39
N SER A 259 -24.57 7.86 24.84
CA SER A 259 -24.90 6.78 23.90
C SER A 259 -25.45 5.53 24.57
N GLY A 260 -25.00 5.28 25.80
CA GLY A 260 -25.40 4.08 26.51
C GLY A 260 -24.46 2.99 26.08
N GLN A 261 -24.74 1.74 26.46
CA GLN A 261 -23.91 0.60 26.10
C GLN A 261 -23.67 0.56 24.58
N ASN A 262 -22.46 0.16 24.19
CA ASN A 262 -22.10 0.14 22.77
C ASN A 262 -21.02 -0.87 22.43
N ASP A 263 -20.65 -0.94 21.15
CA ASP A 263 -19.60 -1.85 20.72
C ASP A 263 -18.29 -1.12 20.40
N GLY A 264 -18.24 0.16 20.76
CA GLY A 264 -17.07 0.96 20.49
C GLY A 264 -17.35 2.02 19.44
N LEU A 265 -18.33 1.77 18.57
CA LEU A 265 -18.70 2.70 17.50
C LEU A 265 -20.21 2.81 17.33
N VAL A 266 -20.94 1.78 17.73
CA VAL A 266 -22.39 1.75 17.59
C VAL A 266 -23.10 1.41 18.89
N SER A 267 -24.07 2.24 19.26
CA SER A 267 -24.84 2.03 20.49
C SER A 267 -25.92 0.98 20.28
N ARG A 268 -26.45 0.43 21.38
CA ARG A 268 -27.51 -0.56 21.29
C ARG A 268 -28.72 0.04 20.57
N CYS A 269 -29.14 1.24 21.00
CA CYS A 269 -30.29 1.92 20.42
C CYS A 269 -30.17 2.16 18.91
N SER A 270 -29.00 2.58 18.48
CA SER A 270 -28.75 2.86 17.06
C SER A 270 -28.74 1.59 16.20
N SER A 271 -28.33 0.48 16.79
CA SER A 271 -28.25 -0.81 16.09
C SER A 271 -29.57 -1.50 15.78
N LEU A 272 -30.64 -1.10 16.48
CA LEU A 272 -31.96 -1.72 16.33
C LEU A 272 -32.63 -1.63 14.96
N PHE A 273 -32.94 -2.79 14.39
CA PHE A 273 -33.58 -2.87 13.08
C PHE A 273 -34.31 -4.19 12.91
N GLY A 274 -35.55 -4.13 12.44
CA GLY A 274 -36.35 -5.33 12.25
C GLY A 274 -36.45 -6.19 13.49
N GLN A 275 -36.37 -7.51 13.33
CA GLN A 275 -36.42 -8.41 14.46
C GLN A 275 -35.01 -8.47 15.06
N VAL A 276 -34.87 -7.93 16.27
CA VAL A 276 -33.59 -7.90 16.95
C VAL A 276 -33.29 -9.26 17.57
N ILE A 277 -32.31 -9.95 16.99
CA ILE A 277 -31.90 -11.26 17.47
C ILE A 277 -31.35 -11.12 18.88
N SER A 278 -30.38 -10.22 19.04
CA SER A 278 -29.77 -9.98 20.33
C SER A 278 -28.87 -8.76 20.33
N THR A 279 -28.79 -8.12 21.50
CA THR A 279 -27.92 -6.96 21.69
C THR A 279 -27.15 -7.24 22.97
N SER A 280 -27.18 -8.51 23.39
CA SER A 280 -26.51 -8.95 24.61
C SER A 280 -25.12 -9.51 24.39
N TYR A 281 -24.70 -9.64 23.14
CA TYR A 281 -23.37 -10.16 22.84
C TYR A 281 -22.28 -9.26 23.41
N HIS A 282 -21.34 -9.87 24.14
CA HIS A 282 -20.24 -9.11 24.74
C HIS A 282 -19.17 -8.93 23.66
N TRP A 283 -19.49 -8.07 22.69
CA TRP A 283 -18.61 -7.81 21.55
C TRP A 283 -18.33 -6.35 21.25
N ASN A 284 -17.14 -6.10 20.71
CA ASN A 284 -16.79 -4.76 20.27
C ASN A 284 -17.11 -4.80 18.77
N HIS A 285 -17.03 -3.66 18.09
CA HIS A 285 -17.33 -3.59 16.66
C HIS A 285 -16.66 -4.60 15.75
N LEU A 286 -15.41 -4.95 16.06
CA LEU A 286 -14.68 -5.90 15.24
C LEU A 286 -14.91 -7.36 15.57
N ASP A 287 -15.31 -7.66 16.81
CA ASP A 287 -15.60 -9.04 17.21
C ASP A 287 -16.77 -9.55 16.38
N GLU A 288 -17.65 -8.62 16.01
CA GLU A 288 -18.83 -8.91 15.21
C GLU A 288 -18.51 -9.60 13.90
N ILE A 289 -17.32 -9.33 13.35
CA ILE A 289 -16.89 -9.95 12.11
C ILE A 289 -15.71 -10.89 12.31
N ASN A 290 -15.53 -11.36 13.55
CA ASN A 290 -14.47 -12.30 13.91
C ASN A 290 -13.06 -11.73 13.71
N GLN A 291 -12.92 -10.45 14.01
CA GLN A 291 -11.66 -9.74 13.86
C GLN A 291 -11.13 -9.25 15.22
N LEU A 292 -9.80 -9.07 15.36
CA LEU A 292 -8.80 -9.29 14.32
C LEU A 292 -8.29 -10.71 14.30
N LEU A 293 -8.34 -11.33 13.12
CA LEU A 293 -7.88 -12.70 12.94
C LEU A 293 -8.44 -13.72 13.95
N GLY A 294 -9.74 -13.61 14.23
CA GLY A 294 -10.38 -14.52 15.16
C GLY A 294 -10.12 -14.28 16.64
N VAL A 295 -9.49 -13.16 16.97
CA VAL A 295 -9.16 -12.83 18.36
C VAL A 295 -10.29 -12.06 19.05
N ARG A 296 -10.76 -12.62 20.16
CA ARG A 296 -11.83 -12.00 20.94
C ARG A 296 -11.64 -12.26 22.43
N GLY A 297 -12.25 -11.41 23.26
CA GLY A 297 -12.15 -11.57 24.69
C GLY A 297 -12.72 -12.87 25.21
N ALA A 298 -12.29 -13.26 26.41
CA ALA A 298 -12.73 -14.51 27.05
C ALA A 298 -14.24 -14.62 27.24
N ASN A 299 -14.91 -13.48 27.37
CA ASN A 299 -16.36 -13.46 27.57
C ASN A 299 -17.15 -13.22 26.30
N ALA A 300 -16.47 -13.22 25.16
CA ALA A 300 -17.14 -12.99 23.88
C ALA A 300 -17.65 -14.27 23.24
N GLU A 301 -18.90 -14.24 22.77
CA GLU A 301 -19.52 -15.38 22.10
C GLU A 301 -18.84 -15.54 20.75
N ASP A 302 -18.96 -16.72 20.14
CA ASP A 302 -18.36 -16.99 18.85
C ASP A 302 -19.16 -16.34 17.72
N PRO A 303 -18.59 -15.31 17.06
CA PRO A 303 -19.29 -14.63 15.96
C PRO A 303 -19.57 -15.50 14.75
N VAL A 304 -18.72 -16.50 14.52
CA VAL A 304 -18.90 -17.41 13.39
C VAL A 304 -20.11 -18.30 13.69
N ALA A 305 -20.23 -18.74 14.94
CA ALA A 305 -21.35 -19.58 15.37
C ALA A 305 -22.65 -18.79 15.32
N VAL A 306 -22.58 -17.50 15.66
CA VAL A 306 -23.76 -16.64 15.61
C VAL A 306 -24.28 -16.46 14.18
N ILE A 307 -23.35 -16.22 13.25
CA ILE A 307 -23.73 -16.05 11.84
C ILE A 307 -24.24 -17.36 11.27
N ARG A 308 -23.57 -18.46 11.64
CA ARG A 308 -23.95 -19.79 11.19
C ARG A 308 -25.38 -20.10 11.66
N THR A 309 -25.66 -19.73 12.90
CA THR A 309 -26.97 -19.91 13.50
C THR A 309 -28.04 -19.08 12.79
N HIS A 310 -27.68 -17.86 12.40
CA HIS A 310 -28.63 -16.99 11.71
C HIS A 310 -28.98 -17.48 10.31
N VAL A 311 -28.01 -18.04 9.59
CA VAL A 311 -28.28 -18.54 8.24
C VAL A 311 -29.19 -19.76 8.33
N ASN A 312 -29.08 -20.50 9.43
CA ASN A 312 -29.94 -21.66 9.66
C ASN A 312 -31.34 -21.10 9.91
N ARG A 313 -31.41 -20.01 10.68
CA ARG A 313 -32.67 -19.33 10.97
C ARG A 313 -33.33 -18.87 9.67
N LEU A 314 -32.52 -18.33 8.76
CA LEU A 314 -33.01 -17.87 7.46
C LEU A 314 -33.57 -19.05 6.67
N LYS A 315 -32.83 -20.16 6.67
CA LYS A 315 -33.26 -21.37 5.97
C LYS A 315 -34.62 -21.85 6.47
N LEU A 316 -34.79 -21.88 7.79
CA LEU A 316 -36.04 -22.34 8.40
C LEU A 316 -37.23 -21.41 8.12
N GLN A 317 -36.93 -20.17 7.74
CA GLN A 317 -37.97 -19.20 7.42
C GLN A 317 -38.40 -19.29 5.96
N GLY A 318 -37.73 -20.15 5.20
CA GLY A 318 -38.08 -20.34 3.81
C GLY A 318 -37.30 -19.52 2.79
N VAL A 319 -36.28 -18.79 3.23
CA VAL A 319 -35.47 -17.99 2.31
C VAL A 319 -34.10 -18.63 2.12
N MET B 53 -50.28 -11.89 27.98
CA MET B 53 -48.90 -11.36 27.74
C MET B 53 -47.90 -12.49 27.43
N PRO B 54 -48.24 -13.37 26.48
CA PRO B 54 -47.35 -14.47 26.12
C PRO B 54 -46.05 -14.01 25.46
N LEU B 55 -45.03 -14.86 25.50
CA LEU B 55 -43.73 -14.55 24.92
C LEU B 55 -43.69 -14.77 23.42
N PRO B 56 -42.92 -13.93 22.68
CA PRO B 56 -42.82 -14.09 21.23
C PRO B 56 -41.92 -15.25 20.80
N ALA B 57 -41.11 -15.75 21.74
CA ALA B 57 -40.20 -16.87 21.48
C ALA B 57 -39.99 -17.73 22.72
N ALA B 58 -39.83 -19.03 22.49
CA ALA B 58 -39.62 -19.99 23.58
C ALA B 58 -38.18 -20.05 24.07
N LEU B 59 -37.25 -19.72 23.18
CA LEU B 59 -35.82 -19.76 23.49
C LEU B 59 -35.24 -18.36 23.57
N PRO B 60 -34.03 -18.20 24.18
CA PRO B 60 -33.48 -16.84 24.24
C PRO B 60 -33.28 -16.34 22.80
N GLY B 61 -33.36 -15.02 22.62
CA GLY B 61 -33.22 -14.42 21.29
C GLY B 61 -32.09 -14.95 20.42
N ALA B 62 -30.93 -15.21 21.01
CA ALA B 62 -29.77 -15.72 20.27
C ALA B 62 -30.05 -17.03 19.53
N LEU B 63 -30.89 -17.88 20.11
CA LEU B 63 -31.22 -19.17 19.53
C LEU B 63 -32.59 -19.28 18.88
N ALA B 64 -33.54 -18.44 19.30
CA ALA B 64 -34.90 -18.47 18.76
C ALA B 64 -34.97 -18.41 17.24
N GLY B 65 -35.74 -19.31 16.66
CA GLY B 65 -35.88 -19.38 15.21
C GLY B 65 -34.88 -20.31 14.54
N SER B 66 -33.96 -20.86 15.33
CA SER B 66 -32.96 -21.77 14.79
C SER B 66 -33.05 -23.14 15.43
N HIS B 67 -32.42 -24.13 14.80
CA HIS B 67 -32.39 -25.48 15.33
C HIS B 67 -30.96 -25.81 15.63
N ALA B 68 -30.74 -26.66 16.63
CA ALA B 68 -29.41 -27.07 17.01
C ALA B 68 -28.76 -27.92 15.96
N PRO B 69 -27.43 -27.76 15.74
CA PRO B 69 -26.74 -28.57 14.74
C PRO B 69 -26.64 -30.00 15.29
N ARG B 70 -26.50 -30.97 14.40
CA ARG B 70 -26.43 -32.37 14.80
C ARG B 70 -25.11 -32.82 15.38
N LEU B 71 -25.19 -33.59 16.46
CA LEU B 71 -24.00 -34.14 17.10
C LEU B 71 -23.61 -35.35 16.25
N PRO B 72 -22.35 -35.38 15.75
CA PRO B 72 -21.84 -36.46 14.91
C PRO B 72 -21.63 -37.80 15.63
N LEU B 73 -22.16 -38.86 15.03
CA LEU B 73 -22.05 -40.21 15.58
C LEU B 73 -21.21 -41.10 14.69
N ALA B 74 -20.26 -41.80 15.31
CA ALA B 74 -19.39 -42.73 14.59
C ALA B 74 -20.00 -44.12 14.57
N ALA B 75 -19.29 -45.08 13.98
CA ALA B 75 -19.74 -46.47 13.89
C ALA B 75 -19.81 -47.12 15.27
N GLY B 76 -18.81 -46.85 16.10
CA GLY B 76 -18.78 -47.41 17.45
C GLY B 76 -19.85 -46.84 18.36
N GLY B 77 -20.92 -46.29 17.77
CA GLY B 77 -22.01 -45.71 18.52
C GLY B 77 -21.55 -44.55 19.40
N ARG B 78 -20.31 -44.11 19.20
CA ARG B 78 -19.75 -43.02 19.97
C ARG B 78 -19.68 -41.75 19.15
N LEU B 79 -19.43 -40.63 19.81
CA LEU B 79 -19.31 -39.34 19.14
C LEU B 79 -18.15 -39.31 18.17
N ALA B 80 -18.44 -38.95 16.92
CA ALA B 80 -17.41 -38.84 15.89
C ALA B 80 -16.54 -37.66 16.28
N ARG B 81 -15.24 -37.91 16.41
CA ARG B 81 -14.30 -36.86 16.79
C ARG B 81 -14.04 -35.84 15.69
N THR B 82 -15.06 -35.02 15.42
CA THR B 82 -14.97 -33.99 14.40
C THR B 82 -15.31 -32.64 15.02
N ARG B 83 -15.04 -31.57 14.29
CA ARG B 83 -15.32 -30.22 14.76
C ARG B 83 -16.80 -29.96 14.96
N ALA B 84 -17.62 -30.82 14.38
CA ALA B 84 -19.07 -30.72 14.49
C ALA B 84 -19.52 -30.80 15.96
N VAL B 85 -18.73 -31.51 16.78
CA VAL B 85 -19.02 -31.63 18.20
C VAL B 85 -18.90 -30.26 18.86
N ARG B 86 -17.84 -29.53 18.49
CA ARG B 86 -17.59 -28.19 19.03
C ARG B 86 -18.64 -27.19 18.56
N GLU B 87 -19.06 -27.32 17.30
CA GLU B 87 -20.07 -26.43 16.73
C GLU B 87 -21.39 -26.52 17.49
N PHE B 88 -21.69 -27.73 17.98
CA PHE B 88 -22.89 -27.96 18.76
C PHE B 88 -22.87 -27.10 20.03
N PHE B 89 -21.77 -27.16 20.76
CA PHE B 89 -21.60 -26.41 22.00
C PHE B 89 -21.54 -24.91 21.79
N ASP B 90 -20.81 -24.46 20.76
CA ASP B 90 -20.71 -23.02 20.46
C ASP B 90 -22.07 -22.46 20.12
N TYR B 91 -22.93 -23.32 19.57
CA TYR B 91 -24.28 -22.91 19.24
C TYR B 91 -25.03 -22.47 20.51
N CSO B 92 -25.13 -23.39 21.47
CA CSO B 92 -25.81 -23.09 22.73
CB CSO B 92 -25.77 -24.32 23.65
SG CSO B 92 -26.62 -25.77 23.00
C CSO B 92 -25.11 -21.93 23.41
O CSO B 92 -25.76 -21.05 23.99
OD CSO B 92 -28.12 -25.18 22.99
N LEU B 93 -23.79 -21.92 23.34
CA LEU B 93 -23.00 -20.85 23.96
C LEU B 93 -23.24 -19.46 23.38
N THR B 94 -23.90 -19.34 22.24
CA THR B 94 -24.14 -18.00 21.70
C THR B 94 -25.15 -17.29 22.55
N ALA B 95 -25.81 -18.06 23.41
CA ALA B 95 -26.83 -17.54 24.31
C ALA B 95 -26.29 -17.26 25.71
N GLN B 96 -24.99 -17.51 25.93
CA GLN B 96 -24.36 -17.30 27.23
C GLN B 96 -24.53 -15.90 27.82
N GLY B 97 -24.68 -14.90 26.96
CA GLY B 97 -24.84 -13.52 27.42
C GLY B 97 -26.24 -13.20 27.92
N GLU B 98 -27.20 -14.08 27.66
CA GLU B 98 -28.58 -13.86 28.08
C GLU B 98 -29.01 -14.87 29.14
N LEU B 99 -28.09 -15.73 29.57
CA LEU B 99 -28.39 -16.76 30.55
C LEU B 99 -27.41 -16.79 31.70
N THR B 100 -27.87 -17.27 32.85
CA THR B 100 -27.02 -17.40 34.02
C THR B 100 -26.20 -18.65 33.75
N PRO B 101 -25.01 -18.79 34.38
CA PRO B 101 -24.20 -19.99 34.15
C PRO B 101 -24.98 -21.29 34.36
N ALA B 102 -25.85 -21.29 35.38
CA ALA B 102 -26.69 -22.45 35.71
C ALA B 102 -27.71 -22.72 34.61
N ALA B 103 -28.38 -21.67 34.13
CA ALA B 103 -29.37 -21.80 33.06
C ALA B 103 -28.73 -22.31 31.79
N LEU B 104 -27.50 -21.85 31.51
CA LEU B 104 -26.75 -22.28 30.34
C LEU B 104 -26.47 -23.78 30.40
N ASP B 105 -25.95 -24.22 31.55
CA ASP B 105 -25.64 -25.63 31.75
C ASP B 105 -26.87 -26.51 31.58
N ALA B 106 -28.00 -26.07 32.14
CA ALA B 106 -29.26 -26.81 32.04
C ALA B 106 -29.69 -26.95 30.58
N LEU B 107 -29.49 -25.87 29.81
CA LEU B 107 -29.85 -25.87 28.40
C LEU B 107 -29.04 -26.90 27.61
N VAL B 108 -27.72 -26.89 27.77
CA VAL B 108 -26.85 -27.83 27.08
C VAL B 108 -27.24 -29.28 27.39
N ARG B 109 -27.50 -29.57 28.66
CA ARG B 109 -27.90 -30.91 29.07
C ARG B 109 -29.20 -31.33 28.38
N ARG B 110 -30.13 -30.39 28.28
CA ARG B 110 -31.42 -30.64 27.61
C ARG B 110 -31.24 -30.85 26.12
N GLU B 111 -30.38 -30.05 25.50
CA GLU B 111 -30.12 -30.14 24.06
C GLU B 111 -29.44 -31.46 23.71
N ILE B 112 -28.50 -31.89 24.55
CA ILE B 112 -27.79 -33.15 24.35
C ILE B 112 -28.80 -34.30 24.47
N ALA B 113 -29.64 -34.24 25.50
CA ALA B 113 -30.65 -35.25 25.76
C ALA B 113 -31.65 -35.36 24.62
N ALA B 114 -32.02 -34.22 24.03
CA ALA B 114 -32.97 -34.22 22.91
C ALA B 114 -32.49 -35.07 21.74
N GLN B 115 -31.18 -35.03 21.48
CA GLN B 115 -30.58 -35.78 20.39
C GLN B 115 -30.11 -37.17 20.77
N LEU B 116 -29.47 -37.30 21.95
CA LEU B 116 -28.90 -38.56 22.39
C LEU B 116 -29.49 -39.16 23.66
N ASP B 117 -30.74 -38.85 23.97
CA ASP B 117 -31.40 -39.39 25.17
C ASP B 117 -31.33 -40.89 25.25
N GLY B 118 -30.73 -41.39 26.32
CA GLY B 118 -30.60 -42.82 26.53
C GLY B 118 -29.64 -43.52 25.58
N SER B 119 -28.38 -43.11 25.62
CA SER B 119 -27.36 -43.70 24.75
C SER B 119 -25.97 -43.37 25.29
N PRO B 120 -24.95 -44.21 24.95
CA PRO B 120 -23.58 -43.99 25.40
C PRO B 120 -23.04 -42.63 24.95
N ALA B 121 -23.49 -42.19 23.78
CA ALA B 121 -23.11 -40.91 23.20
C ALA B 121 -23.48 -39.74 24.12
N GLN B 122 -24.65 -39.84 24.77
CA GLN B 122 -25.11 -38.80 25.69
C GLN B 122 -24.12 -38.56 26.81
N ALA B 123 -23.68 -39.63 27.47
CA ALA B 123 -22.71 -39.55 28.55
C ALA B 123 -21.40 -39.01 28.00
N GLU B 124 -21.05 -39.46 26.80
CA GLU B 124 -19.83 -39.04 26.12
C GLU B 124 -19.89 -37.53 25.84
N ALA B 125 -21.04 -37.07 25.36
CA ALA B 125 -21.27 -35.65 25.06
C ALA B 125 -21.18 -34.80 26.30
N LEU B 126 -21.77 -35.28 27.40
CA LEU B 126 -21.73 -34.57 28.68
C LEU B 126 -20.29 -34.49 29.18
N GLY B 127 -19.50 -35.50 28.82
CA GLY B 127 -18.09 -35.53 29.21
C GLY B 127 -17.30 -34.44 28.53
N VAL B 128 -17.48 -34.30 27.21
CA VAL B 128 -16.80 -33.26 26.44
C VAL B 128 -17.22 -31.90 26.96
N TRP B 129 -18.50 -31.78 27.31
CA TRP B 129 -19.04 -30.55 27.86
C TRP B 129 -18.26 -30.10 29.08
N ARG B 130 -17.94 -31.06 29.94
CA ARG B 130 -17.16 -30.81 31.14
C ARG B 130 -15.76 -30.30 30.81
N ARG B 131 -15.11 -30.99 29.87
CA ARG B 131 -13.77 -30.62 29.43
C ARG B 131 -13.73 -29.29 28.68
N TYR B 132 -14.80 -28.99 27.95
CA TYR B 132 -14.89 -27.74 27.21
C TYR B 132 -15.02 -26.56 28.15
N ARG B 133 -15.93 -26.67 29.10
CA ARG B 133 -16.14 -25.60 30.08
C ARG B 133 -14.89 -25.39 30.94
N ALA B 134 -14.12 -26.46 31.13
CA ALA B 134 -12.87 -26.39 31.89
C ALA B 134 -11.90 -25.53 31.10
N TYR B 135 -12.00 -25.60 29.77
CA TYR B 135 -11.18 -24.82 28.87
C TYR B 135 -11.40 -23.33 29.07
N PHE B 136 -12.67 -22.91 29.11
CA PHE B 136 -13.01 -21.50 29.29
C PHE B 136 -12.58 -20.97 30.65
N ASP B 137 -12.70 -21.81 31.67
CA ASP B 137 -12.32 -21.44 33.03
C ASP B 137 -10.79 -21.30 33.12
N ALA B 138 -10.10 -22.23 32.46
CA ALA B 138 -8.63 -22.24 32.42
C ALA B 138 -8.11 -21.22 31.40
N LEU B 139 -9.04 -20.63 30.64
CA LEU B 139 -8.69 -19.64 29.64
C LEU B 139 -8.34 -18.32 30.32
N ALA B 140 -8.94 -18.09 31.49
CA ALA B 140 -8.69 -16.87 32.25
C ALA B 140 -7.30 -16.90 32.88
N VAL B 148 -1.23 -4.48 26.72
CA VAL B 148 -2.05 -3.27 26.80
C VAL B 148 -1.20 -2.02 26.81
N LEU B 149 -1.16 -1.30 25.69
CA LEU B 149 -0.36 -0.09 25.57
C LEU B 149 -0.84 0.83 24.45
N GLY B 150 -1.92 0.42 23.78
CA GLY B 150 -2.51 1.18 22.67
C GLY B 150 -1.50 1.39 21.53
N ASP B 151 -0.73 0.34 21.23
CA ASP B 151 0.28 0.40 20.18
C ASP B 151 -0.21 -0.29 18.91
N LYS B 152 0.73 -0.66 18.04
CA LYS B 152 0.40 -1.33 16.78
C LYS B 152 0.27 -2.85 16.99
N LEU B 153 0.04 -3.58 15.91
CA LEU B 153 -0.12 -5.03 15.96
C LEU B 153 1.16 -5.74 15.54
N ASP B 154 1.50 -6.80 16.27
CA ASP B 154 2.71 -7.58 15.99
C ASP B 154 2.40 -9.07 15.89
N PRO B 155 2.56 -9.65 14.69
CA PRO B 155 2.31 -11.08 14.45
C PRO B 155 3.07 -12.02 15.37
N ALA B 156 4.05 -11.47 16.08
CA ALA B 156 4.87 -12.23 17.01
C ALA B 156 4.07 -12.63 18.24
N ALA B 157 3.50 -11.64 18.93
CA ALA B 157 2.69 -11.87 20.14
C ALA B 157 1.47 -12.71 19.82
N MET B 158 0.78 -12.36 18.72
CA MET B 158 -0.40 -13.09 18.27
C MET B 158 -0.10 -14.54 17.99
N GLN B 159 1.13 -14.80 17.54
CA GLN B 159 1.59 -16.16 17.23
C GLN B 159 1.80 -16.93 18.51
N LEU B 160 2.31 -16.24 19.54
CA LEU B 160 2.57 -16.85 20.83
C LEU B 160 1.27 -17.17 21.55
N ALA B 161 0.30 -16.27 21.47
CA ALA B 161 -1.01 -16.45 22.10
C ALA B 161 -1.66 -17.73 21.61
N LEU B 162 -1.57 -17.99 20.31
CA LEU B 162 -2.11 -19.19 19.69
C LEU B 162 -1.39 -20.42 20.21
N ASP B 163 -0.10 -20.25 20.53
CA ASP B 163 0.74 -21.32 21.06
C ASP B 163 0.30 -21.64 22.48
N GLN B 164 -0.14 -20.62 23.21
CA GLN B 164 -0.62 -20.77 24.58
C GLN B 164 -1.98 -21.44 24.59
N ARG B 165 -2.93 -20.87 23.85
CA ARG B 165 -4.28 -21.40 23.73
C ARG B 165 -4.27 -22.86 23.29
N ALA B 166 -3.31 -23.19 22.41
CA ALA B 166 -3.14 -24.56 21.92
C ALA B 166 -2.72 -25.47 23.07
N ALA B 167 -1.97 -24.92 24.03
CA ALA B 167 -1.50 -25.65 25.20
C ALA B 167 -2.67 -26.01 26.11
N LEU B 168 -3.56 -25.04 26.36
CA LEU B 168 -4.74 -25.24 27.20
C LEU B 168 -5.65 -26.30 26.60
N ALA B 169 -5.89 -26.19 25.30
CA ALA B 169 -6.73 -27.12 24.56
C ALA B 169 -6.26 -28.55 24.74
N ASP B 170 -4.95 -28.75 24.80
CA ASP B 170 -4.37 -30.07 24.99
C ASP B 170 -4.55 -30.59 26.41
N ARG B 171 -4.46 -29.69 27.38
CA ARG B 171 -4.60 -30.05 28.79
C ARG B 171 -6.06 -30.25 29.20
N THR B 172 -6.95 -29.41 28.68
CA THR B 172 -8.37 -29.46 29.01
C THR B 172 -9.17 -30.38 28.09
N LEU B 173 -9.06 -30.16 26.79
CA LEU B 173 -9.79 -30.98 25.81
C LEU B 173 -9.06 -32.26 25.45
N GLY B 174 -7.72 -32.21 25.54
CA GLY B 174 -6.91 -33.39 25.23
C GLY B 174 -7.14 -33.99 23.88
N GLU B 175 -7.77 -35.16 23.88
CA GLU B 175 -8.09 -35.89 22.66
C GLU B 175 -9.01 -35.10 21.72
N TRP B 176 -9.76 -34.16 22.30
CA TRP B 176 -10.67 -33.31 21.55
C TRP B 176 -10.08 -31.96 21.13
N ALA B 177 -8.83 -31.71 21.51
CA ALA B 177 -8.17 -30.45 21.15
C ALA B 177 -7.99 -30.32 19.64
N GLU B 178 -7.69 -31.44 18.99
CA GLU B 178 -7.50 -31.48 17.55
C GLU B 178 -8.78 -31.19 16.75
N PRO B 179 -9.87 -31.95 17.00
CA PRO B 179 -11.10 -31.69 16.25
C PRO B 179 -11.72 -30.34 16.57
N PHE B 180 -11.48 -29.85 17.78
CA PHE B 180 -12.01 -28.57 18.21
C PHE B 180 -11.34 -27.36 17.60
N PHE B 181 -10.02 -27.31 17.70
CA PHE B 181 -9.25 -26.17 17.20
C PHE B 181 -8.26 -26.47 16.10
N GLY B 182 -8.26 -27.71 15.60
CA GLY B 182 -7.33 -28.09 14.55
C GLY B 182 -7.30 -27.16 13.36
N ASP B 183 -8.44 -27.04 12.68
CA ASP B 183 -8.55 -26.16 11.51
C ASP B 183 -8.34 -24.69 11.86
N GLU B 184 -8.97 -24.24 12.95
CA GLU B 184 -8.85 -22.86 13.41
C GLU B 184 -7.40 -22.43 13.59
N GLN B 185 -6.62 -23.29 14.25
CA GLN B 185 -5.20 -23.03 14.49
C GLN B 185 -4.41 -22.83 13.22
N ARG B 186 -4.61 -23.71 12.24
CA ARG B 186 -3.92 -23.63 10.95
C ARG B 186 -4.29 -22.34 10.24
N ARG B 187 -5.59 -22.10 10.11
CA ARG B 187 -6.15 -20.91 9.46
C ARG B 187 -5.46 -19.63 9.96
N GLN B 188 -5.45 -19.47 11.28
CA GLN B 188 -4.84 -18.29 11.91
C GLN B 188 -3.33 -18.23 11.73
N ARG B 189 -2.64 -19.31 12.07
CA ARG B 189 -1.18 -19.38 11.94
C ARG B 189 -0.74 -19.04 10.52
N HIS B 190 -1.43 -19.64 9.55
CA HIS B 190 -1.17 -19.42 8.14
C HIS B 190 -1.35 -17.95 7.74
N ASP B 191 -2.48 -17.36 8.11
CA ASP B 191 -2.76 -15.97 7.79
C ASP B 191 -1.84 -15.01 8.50
N LEU B 192 -1.49 -15.35 9.75
CA LEU B 192 -0.60 -14.52 10.56
C LEU B 192 0.77 -14.38 9.89
N GLU B 193 1.14 -15.42 9.13
CA GLU B 193 2.40 -15.44 8.40
C GLU B 193 2.37 -14.50 7.21
N ARG B 194 1.32 -14.62 6.40
CA ARG B 194 1.16 -13.77 5.22
C ARG B 194 1.20 -12.30 5.58
N ILE B 195 0.71 -11.97 6.77
CA ILE B 195 0.69 -10.60 7.27
C ILE B 195 2.12 -10.16 7.61
N ARG B 196 2.88 -11.04 8.25
CA ARG B 196 4.26 -10.77 8.63
C ARG B 196 5.12 -10.57 7.40
N ILE B 197 4.99 -11.49 6.44
CA ILE B 197 5.73 -11.42 5.18
C ILE B 197 5.42 -10.12 4.43
N ALA B 198 4.15 -9.72 4.46
CA ALA B 198 3.71 -8.49 3.81
C ALA B 198 4.28 -7.26 4.51
N ASN B 199 4.45 -7.36 5.83
CA ASN B 199 4.98 -6.26 6.62
C ASN B 199 6.40 -6.58 7.10
N ASP B 200 7.39 -6.24 6.28
CA ASP B 200 8.78 -6.50 6.62
C ASP B 200 9.65 -5.32 6.18
N THR B 202 12.08 -4.70 4.56
CA THR B 202 13.35 -4.94 3.88
C THR B 202 13.15 -5.83 2.66
N LEU B 203 12.16 -6.71 2.74
CA LEU B 203 11.84 -7.62 1.63
C LEU B 203 11.51 -6.87 0.35
N SER B 204 11.86 -7.46 -0.78
CA SER B 204 11.61 -6.85 -2.09
C SER B 204 10.36 -7.45 -2.74
N GLN B 207 11.10 -10.81 -3.34
CA GLN B 207 11.29 -11.50 -2.07
C GLN B 207 9.97 -11.90 -1.46
N LYS B 208 9.10 -10.92 -1.20
CA LYS B 208 7.78 -11.15 -0.62
C LYS B 208 6.95 -12.13 -1.43
N ALA B 209 6.91 -11.92 -2.75
CA ALA B 209 6.18 -12.77 -3.67
C ALA B 209 6.59 -14.24 -3.56
N ALA B 210 7.90 -14.48 -3.50
CA ALA B 210 8.46 -15.82 -3.37
C ALA B 210 8.15 -16.44 -2.01
N ARG B 211 8.14 -15.60 -0.98
CA ARG B 211 7.87 -16.03 0.38
C ARG B 211 6.39 -16.40 0.55
N LEU B 212 5.52 -15.66 -0.13
CA LEU B 212 4.08 -15.90 -0.09
C LEU B 212 3.68 -17.07 -0.96
N ALA B 213 4.36 -17.21 -2.11
CA ALA B 213 4.10 -18.31 -3.05
C ALA B 213 4.40 -19.65 -2.38
N ALA B 214 5.49 -19.67 -1.60
CA ALA B 214 5.90 -20.86 -0.88
C ALA B 214 4.99 -21.11 0.31
N LEU B 215 4.69 -20.05 1.05
CA LEU B 215 3.82 -20.13 2.22
C LEU B 215 2.46 -20.71 1.82
N ASP B 216 1.96 -20.27 0.67
CA ASP B 216 0.69 -20.73 0.15
C ASP B 216 0.76 -22.17 -0.37
N ALA B 217 1.85 -22.85 -0.06
CA ALA B 217 2.06 -24.24 -0.46
C ALA B 217 2.00 -25.13 0.76
N GLN B 218 1.55 -24.56 1.88
CA GLN B 218 1.43 -25.30 3.14
C GLN B 218 -0.02 -25.56 3.51
N LEU B 219 -0.94 -25.24 2.59
CA LEU B 219 -2.36 -25.44 2.82
C LEU B 219 -2.72 -26.92 2.76
N THR B 220 -3.81 -27.29 3.42
CA THR B 220 -4.28 -28.66 3.44
C THR B 220 -5.11 -28.92 2.18
N PRO B 221 -5.24 -30.20 1.75
CA PRO B 221 -6.03 -30.49 0.55
C PRO B 221 -7.51 -30.09 0.66
N ASP B 222 -7.96 -29.82 1.88
CA ASP B 222 -9.35 -29.41 2.11
C ASP B 222 -9.56 -27.92 1.94
N GLU B 223 -8.67 -27.11 2.51
CA GLU B 223 -8.78 -25.65 2.40
C GLU B 223 -8.42 -25.16 1.00
N ARG B 224 -7.51 -25.86 0.33
CA ARG B 224 -7.10 -25.49 -1.02
C ARG B 224 -8.27 -25.72 -1.98
N ALA B 225 -8.98 -26.83 -1.76
CA ALA B 225 -10.13 -27.18 -2.58
C ALA B 225 -11.28 -26.22 -2.27
N GLN B 226 -11.44 -25.92 -0.98
CA GLN B 226 -12.49 -24.99 -0.53
C GLN B 226 -12.26 -23.61 -1.13
N GLN B 227 -11.00 -23.18 -1.18
CA GLN B 227 -10.64 -21.89 -1.74
C GLN B 227 -10.85 -21.84 -3.25
N ALA B 228 -10.53 -22.94 -3.94
CA ALA B 228 -10.70 -23.02 -5.39
C ALA B 228 -12.18 -22.92 -5.77
N ALA B 229 -13.04 -23.56 -4.97
CA ALA B 229 -14.48 -23.54 -5.20
C ALA B 229 -15.06 -22.14 -5.01
N LEU B 230 -14.61 -21.44 -3.97
CA LEU B 230 -15.08 -20.08 -3.70
C LEU B 230 -14.61 -19.12 -4.79
N HIS B 231 -13.39 -19.34 -5.27
CA HIS B 231 -12.78 -18.53 -6.34
C HIS B 231 -13.52 -18.73 -7.66
N ALA B 232 -13.91 -19.97 -7.95
CA ALA B 232 -14.62 -20.29 -9.19
C ALA B 232 -16.01 -19.68 -9.14
N GLN B 233 -16.62 -19.73 -7.96
CA GLN B 233 -17.95 -19.18 -7.72
C GLN B 233 -17.99 -17.68 -8.01
N GLN B 234 -16.95 -16.98 -7.54
CA GLN B 234 -16.86 -15.54 -7.74
C GLN B 234 -16.40 -15.16 -9.15
N ASP B 235 -15.53 -15.98 -9.74
CA ASP B 235 -15.03 -15.72 -11.08
C ASP B 235 -16.11 -15.63 -12.14
N ALA B 236 -17.19 -16.39 -11.96
CA ALA B 236 -18.32 -16.37 -12.90
C ALA B 236 -18.98 -15.01 -12.83
N VAL B 237 -19.13 -14.50 -11.61
CA VAL B 237 -19.70 -13.16 -11.39
C VAL B 237 -18.78 -12.11 -12.01
N THR B 238 -17.48 -12.27 -11.80
CA THR B 238 -16.48 -11.34 -12.33
C THR B 238 -16.49 -11.27 -13.86
N LYS B 239 -16.74 -12.39 -14.53
CA LYS B 239 -16.78 -12.42 -15.99
C LYS B 239 -17.90 -11.52 -16.50
N ILE B 240 -19.04 -11.55 -15.81
CA ILE B 240 -20.18 -10.73 -16.18
C ILE B 240 -19.86 -9.26 -15.91
N ALA B 241 -19.31 -8.99 -14.73
CA ALA B 241 -18.93 -7.62 -14.33
C ALA B 241 -17.95 -6.99 -15.30
N ASP B 242 -16.97 -7.77 -15.76
CA ASP B 242 -15.97 -7.30 -16.69
C ASP B 242 -16.57 -6.88 -18.03
N LEU B 243 -17.56 -7.64 -18.51
CA LEU B 243 -18.22 -7.33 -19.77
C LEU B 243 -19.02 -6.03 -19.66
N GLN B 244 -19.59 -5.79 -18.48
CA GLN B 244 -20.35 -4.55 -18.24
C GLN B 244 -19.42 -3.36 -18.28
N LYS B 245 -18.27 -3.48 -17.60
CA LYS B 245 -17.26 -2.42 -17.54
C LYS B 245 -16.71 -2.10 -18.92
N ALA B 246 -16.69 -3.11 -19.79
CA ALA B 246 -16.21 -2.97 -21.17
C ALA B 246 -17.29 -2.35 -22.06
N GLY B 247 -18.50 -2.23 -21.53
CA GLY B 247 -19.61 -1.65 -22.27
C GLY B 247 -20.22 -2.59 -23.29
N ALA B 248 -20.19 -3.89 -22.98
CA ALA B 248 -20.74 -4.91 -23.87
C ALA B 248 -22.23 -4.72 -24.10
N THR B 249 -22.63 -4.81 -25.36
CA THR B 249 -24.04 -4.69 -25.73
C THR B 249 -24.69 -6.00 -25.26
N PRO B 250 -26.04 -6.07 -25.23
CA PRO B 250 -26.69 -7.31 -24.80
C PRO B 250 -26.30 -8.54 -25.63
N ASP B 251 -26.11 -8.33 -26.94
CA ASP B 251 -25.71 -9.42 -27.84
C ASP B 251 -24.30 -9.90 -27.55
N GLN B 252 -23.38 -8.96 -27.28
CA GLN B 252 -21.99 -9.30 -26.98
C GLN B 252 -21.91 -10.01 -25.64
N MET B 253 -22.71 -9.53 -24.67
CA MET B 253 -22.77 -10.13 -23.34
C MET B 253 -23.23 -11.58 -23.47
N ARG B 254 -24.30 -11.79 -24.23
CA ARG B 254 -24.84 -13.12 -24.44
C ARG B 254 -23.83 -14.05 -25.11
N ALA B 255 -23.19 -13.56 -26.17
CA ALA B 255 -22.20 -14.34 -26.93
C ALA B 255 -21.01 -14.79 -26.09
N GLN B 256 -20.40 -13.85 -25.38
CA GLN B 256 -19.24 -14.14 -24.55
C GLN B 256 -19.56 -15.04 -23.35
N ILE B 257 -20.66 -14.75 -22.67
CA ILE B 257 -21.05 -15.55 -21.52
C ILE B 257 -21.49 -16.95 -21.93
N ALA B 258 -22.14 -17.07 -23.09
CA ALA B 258 -22.60 -18.36 -23.58
C ALA B 258 -21.50 -19.37 -23.77
N GLN B 259 -20.31 -18.89 -24.17
CA GLN B 259 -19.17 -19.77 -24.38
C GLN B 259 -18.29 -19.98 -23.17
N THR B 260 -18.75 -19.52 -21.99
CA THR B 260 -17.99 -19.69 -20.76
C THR B 260 -18.88 -20.22 -19.64
N LEU B 261 -19.98 -19.52 -19.37
CA LEU B 261 -20.91 -19.94 -18.31
C LEU B 261 -22.09 -20.75 -18.81
N GLY B 262 -22.31 -20.76 -20.12
CA GLY B 262 -23.43 -21.50 -20.67
C GLY B 262 -24.56 -20.59 -21.13
N PRO B 263 -25.45 -21.09 -22.00
CA PRO B 263 -26.58 -20.33 -22.55
C PRO B 263 -27.62 -19.80 -21.56
N GLU B 264 -27.83 -20.50 -20.45
CA GLU B 264 -28.80 -20.06 -19.44
C GLU B 264 -28.34 -18.80 -18.75
N ALA B 265 -27.08 -18.79 -18.31
CA ALA B 265 -26.48 -17.63 -17.66
C ALA B 265 -26.32 -16.50 -18.67
N ALA B 266 -26.07 -16.86 -19.92
CA ALA B 266 -25.92 -15.88 -21.00
C ALA B 266 -27.20 -15.12 -21.25
N ALA B 267 -28.32 -15.83 -21.23
CA ALA B 267 -29.62 -15.21 -21.44
C ALA B 267 -29.96 -14.28 -20.29
N ARG B 268 -29.64 -14.69 -19.07
CA ARG B 268 -29.89 -13.87 -17.88
C ARG B 268 -29.02 -12.62 -17.88
N ALA B 269 -27.76 -12.78 -18.26
CA ALA B 269 -26.81 -11.66 -18.32
C ALA B 269 -27.18 -10.66 -19.41
N ALA B 270 -27.66 -11.17 -20.54
CA ALA B 270 -28.08 -10.32 -21.66
C ALA B 270 -29.30 -9.51 -21.27
N GLN B 271 -30.24 -10.16 -20.57
CA GLN B 271 -31.45 -9.48 -20.11
C GLN B 271 -31.08 -8.41 -19.09
N MET B 272 -30.09 -8.72 -18.25
CA MET B 272 -29.61 -7.77 -17.23
C MET B 272 -29.08 -6.52 -17.93
N GLN B 273 -28.32 -6.70 -19.01
CA GLN B 273 -27.78 -5.57 -19.78
C GLN B 273 -28.90 -4.76 -20.40
N GLN B 274 -29.89 -5.46 -20.94
CA GLN B 274 -31.05 -4.82 -21.56
C GLN B 274 -31.87 -4.02 -20.55
N ASP B 275 -32.01 -4.56 -19.33
CA ASP B 275 -32.74 -3.88 -18.26
C ASP B 275 -32.00 -2.60 -17.86
N ASP B 276 -30.67 -2.69 -17.78
CA ASP B 276 -29.83 -1.54 -17.42
C ASP B 276 -29.88 -0.46 -18.49
N GLU B 277 -29.86 -0.87 -19.75
CA GLU B 277 -29.93 0.08 -20.86
C GLU B 277 -31.28 0.80 -20.91
N ALA B 278 -32.35 0.05 -20.65
CA ALA B 278 -33.70 0.61 -20.64
C ALA B 278 -33.87 1.57 -19.48
N TRP B 279 -33.28 1.21 -18.33
CA TRP B 279 -33.33 2.06 -17.15
C TRP B 279 -32.61 3.38 -17.44
N GLN B 280 -31.41 3.29 -18.01
CA GLN B 280 -30.63 4.47 -18.34
C GLN B 280 -31.39 5.39 -19.28
N THR B 281 -32.06 4.82 -20.27
CA THR B 281 -32.84 5.59 -21.23
C THR B 281 -34.02 6.29 -20.56
N ARG B 282 -34.74 5.55 -19.70
CA ARG B 282 -35.88 6.11 -18.99
C ARG B 282 -35.46 7.17 -17.99
N TYR B 283 -34.34 6.96 -17.31
CA TYR B 283 -33.84 7.93 -16.35
C TYR B 283 -33.41 9.21 -17.06
N GLN B 284 -32.74 9.07 -18.20
CA GLN B 284 -32.29 10.22 -18.98
C GLN B 284 -33.45 11.05 -19.52
N ALA B 285 -34.55 10.39 -19.89
CA ALA B 285 -35.74 11.08 -20.40
C ALA B 285 -36.39 11.84 -19.25
N TYR B 286 -36.43 11.20 -18.08
CA TYR B 286 -36.97 11.82 -16.88
C TYR B 286 -36.12 13.03 -16.52
N ALA B 287 -34.79 12.87 -16.57
CA ALA B 287 -33.85 13.93 -16.23
C ALA B 287 -34.10 15.23 -17.00
N ALA B 288 -34.51 15.11 -18.26
CA ALA B 288 -34.82 16.28 -19.09
C ALA B 288 -36.06 16.99 -18.56
N GLU B 289 -37.05 16.20 -18.12
CA GLU B 289 -38.29 16.74 -17.55
C GLU B 289 -38.03 17.34 -16.18
N ARG B 290 -37.14 16.69 -15.42
CA ARG B 290 -36.75 17.14 -14.10
C ARG B 290 -36.08 18.51 -14.22
N ASP B 291 -35.22 18.65 -15.22
CA ASP B 291 -34.51 19.91 -15.47
C ASP B 291 -35.44 21.05 -15.87
N ARG B 292 -36.53 20.73 -16.57
CA ARG B 292 -37.49 21.76 -16.96
C ARG B 292 -38.17 22.32 -15.73
N ILE B 293 -38.44 21.46 -14.75
CA ILE B 293 -39.06 21.89 -13.50
C ILE B 293 -38.08 22.73 -12.70
N ALA B 294 -36.84 22.25 -12.60
CA ALA B 294 -35.79 22.96 -11.86
C ALA B 294 -35.52 24.36 -12.43
N ALA B 295 -35.78 24.53 -13.72
CA ALA B 295 -35.55 25.81 -14.40
C ALA B 295 -36.66 26.84 -14.20
N GLN B 296 -37.79 26.42 -13.63
CA GLN B 296 -38.93 27.31 -13.41
C GLN B 296 -38.67 28.38 -12.34
N GLY B 297 -37.60 28.20 -11.57
CA GLY B 297 -37.25 29.17 -10.53
C GLY B 297 -38.08 29.15 -9.27
N LEU B 298 -38.81 28.06 -9.04
CA LEU B 298 -39.62 27.93 -7.83
C LEU B 298 -38.73 27.89 -6.60
N ALA B 299 -39.33 28.13 -5.43
CA ALA B 299 -38.60 28.08 -4.17
C ALA B 299 -38.16 26.63 -3.98
N PRO B 300 -36.99 26.39 -3.33
CA PRO B 300 -36.46 25.04 -3.08
C PRO B 300 -37.49 23.98 -2.68
N GLN B 301 -38.29 24.30 -1.66
CA GLN B 301 -39.33 23.39 -1.16
C GLN B 301 -40.38 23.02 -2.19
N ASP B 302 -40.81 24.02 -2.97
CA ASP B 302 -41.81 23.82 -4.01
C ASP B 302 -41.21 23.05 -5.18
N ARG B 303 -39.98 23.40 -5.56
CA ARG B 303 -39.28 22.74 -6.64
C ARG B 303 -39.11 21.25 -6.34
N ASP B 304 -38.59 20.96 -5.14
CA ASP B 304 -38.37 19.58 -4.70
C ASP B 304 -39.66 18.77 -4.67
N ALA B 305 -40.76 19.40 -4.26
CA ALA B 305 -42.06 18.75 -4.20
C ALA B 305 -42.61 18.43 -5.60
N ARG B 306 -42.41 19.34 -6.55
CA ARG B 306 -42.87 19.14 -7.93
C ARG B 306 -42.05 18.04 -8.60
N ILE B 307 -40.75 18.01 -8.31
CA ILE B 307 -39.85 17.00 -8.87
C ILE B 307 -40.19 15.63 -8.27
N ALA B 308 -40.49 15.62 -6.97
CA ALA B 308 -40.87 14.38 -6.29
C ALA B 308 -42.12 13.79 -6.93
N GLN B 309 -43.05 14.67 -7.29
CA GLN B 309 -44.30 14.27 -7.94
C GLN B 309 -44.02 13.69 -9.32
N LEU B 310 -43.15 14.37 -10.08
CA LEU B 310 -42.78 13.90 -11.42
C LEU B 310 -42.14 12.52 -11.31
N ARG B 311 -41.29 12.33 -10.31
CA ARG B 311 -40.62 11.05 -10.10
C ARG B 311 -41.62 9.95 -9.80
N GLN B 312 -42.58 10.25 -8.93
CA GLN B 312 -43.63 9.30 -8.56
C GLN B 312 -44.53 8.91 -9.72
N GLN B 313 -44.74 9.82 -10.64
CA GLN B 313 -45.58 9.56 -11.81
C GLN B 313 -44.84 8.84 -12.93
N THR B 314 -43.53 9.09 -13.02
CA THR B 314 -42.68 8.51 -14.04
C THR B 314 -42.20 7.08 -13.74
N PHE B 315 -41.84 6.85 -12.49
CA PHE B 315 -41.31 5.56 -12.06
C PHE B 315 -42.29 4.90 -11.11
N THR B 316 -43.10 4.00 -11.64
CA THR B 316 -44.11 3.33 -10.84
C THR B 316 -43.84 1.88 -10.47
N ALA B 317 -42.76 1.32 -11.03
CA ALA B 317 -42.34 -0.04 -10.67
C ALA B 317 -41.81 0.16 -9.24
N PRO B 318 -42.21 -0.70 -8.28
CA PRO B 318 -41.73 -0.55 -6.90
C PRO B 318 -40.22 -0.38 -6.75
N GLY B 319 -39.83 0.67 -6.04
CA GLY B 319 -38.43 0.95 -5.82
C GLY B 319 -37.74 1.90 -6.79
N GLU B 320 -38.26 2.03 -8.01
CA GLU B 320 -37.63 2.91 -8.99
C GLU B 320 -37.69 4.40 -8.70
N ALA B 321 -38.78 4.86 -8.06
CA ALA B 321 -38.89 6.29 -7.73
C ALA B 321 -37.82 6.65 -6.72
N ILE B 322 -37.58 5.73 -5.77
CA ILE B 322 -36.55 5.92 -4.75
C ILE B 322 -35.18 5.90 -5.41
N ARG B 323 -35.00 5.03 -6.40
CA ARG B 323 -33.73 4.94 -7.11
C ARG B 323 -33.43 6.18 -7.91
N ALA B 324 -34.46 6.74 -8.56
CA ALA B 324 -34.28 7.94 -9.34
C ALA B 324 -33.89 9.11 -8.42
N ALA B 325 -34.45 9.12 -7.21
CA ALA B 325 -34.15 10.16 -6.22
C ALA B 325 -32.68 10.08 -5.83
N SER B 326 -32.17 8.85 -5.72
CA SER B 326 -30.77 8.60 -5.41
C SER B 326 -29.88 9.12 -6.52
N LEU B 327 -30.21 8.78 -7.76
CA LEU B 327 -29.43 9.25 -8.91
C LEU B 327 -29.44 10.77 -9.06
N ASP B 328 -30.55 11.39 -8.66
CA ASP B 328 -30.69 12.84 -8.72
C ASP B 328 -29.75 13.56 -7.74
N ARG B 329 -29.33 12.85 -6.70
CA ARG B 329 -28.45 13.41 -5.68
C ARG B 329 -26.96 13.32 -6.00
N GLY B 330 -26.65 13.02 -7.25
CA GLY B 330 -25.25 12.94 -7.64
C GLY B 330 -25.04 13.33 -9.08
N ALA B 331 -23.89 12.94 -9.62
CA ALA B 331 -23.54 13.24 -11.01
C ALA B 331 -24.02 12.12 -11.93
N GLY B 332 -25.26 12.25 -12.40
CA GLY B 332 -25.81 11.24 -13.29
C GLY B 332 -26.76 11.84 -14.30
N ALA C 1 29.23 -8.07 -22.71
CA ALA C 1 29.76 -7.25 -21.59
C ALA C 1 31.22 -6.88 -21.81
N ASP C 2 31.64 -5.75 -21.25
CA ASP C 2 33.02 -5.28 -21.38
C ASP C 2 33.52 -4.72 -20.04
N THR C 3 34.63 -4.00 -20.08
CA THR C 3 35.23 -3.43 -18.88
C THR C 3 35.31 -1.91 -18.91
N TYR C 4 34.46 -1.29 -19.72
CA TYR C 4 34.41 0.17 -19.85
C TYR C 4 34.27 0.89 -18.50
N ALA C 5 33.44 0.32 -17.62
CA ALA C 5 33.20 0.92 -16.32
C ALA C 5 33.72 0.06 -15.17
N ALA C 6 34.76 -0.73 -15.43
CA ALA C 6 35.33 -1.61 -14.40
C ALA C 6 36.22 -0.89 -13.40
N THR C 7 35.59 -0.23 -12.44
CA THR C 7 36.32 0.50 -11.40
C THR C 7 37.02 -0.45 -10.45
N ARG C 8 38.01 0.06 -9.73
CA ARG C 8 38.75 -0.72 -8.75
C ARG C 8 37.85 -1.05 -7.56
N TYR C 9 37.11 -0.05 -7.10
CA TYR C 9 36.20 -0.21 -5.96
C TYR C 9 34.75 -0.29 -6.41
N PRO C 10 33.92 -1.09 -5.71
CA PRO C 10 32.51 -1.22 -6.07
C PRO C 10 31.74 0.09 -5.95
N VAL C 11 30.71 0.21 -6.78
CA VAL C 11 29.85 1.38 -6.82
C VAL C 11 28.58 1.12 -6.05
N ILE C 12 28.22 2.04 -5.17
CA ILE C 12 26.97 1.93 -4.44
C ILE C 12 26.08 3.10 -4.82
N LEU C 13 24.92 2.80 -5.38
CA LEU C 13 23.94 3.81 -5.77
C LEU C 13 23.10 4.12 -4.54
N VAL C 14 23.02 5.40 -4.19
CA VAL C 14 22.28 5.82 -3.00
C VAL C 14 21.09 6.70 -3.34
N HIS C 15 19.91 6.14 -3.17
CA HIS C 15 18.67 6.85 -3.46
C HIS C 15 18.34 7.96 -2.45
N GLY C 16 17.40 8.81 -2.83
CA GLY C 16 16.92 9.86 -1.97
C GLY C 16 15.43 9.64 -1.82
N LEU C 17 14.68 10.73 -1.78
CA LEU C 17 13.22 10.71 -1.67
C LEU C 17 12.62 9.97 -0.46
N ALA C 18 11.38 9.52 -0.59
CA ALA C 18 10.64 8.88 0.50
C ALA C 18 11.08 7.55 1.13
N GLY C 19 11.91 6.78 0.45
CA GLY C 19 12.35 5.53 1.04
C GLY C 19 12.37 4.36 0.10
N THR C 20 13.31 3.45 0.37
CA THR C 20 13.55 2.23 -0.42
C THR C 20 14.11 2.55 -1.81
N ASP C 21 14.70 1.54 -2.43
CA ASP C 21 15.28 1.66 -3.76
C ASP C 21 14.24 1.40 -4.85
N LYS C 22 12.96 1.56 -4.51
CA LYS C 22 11.89 1.32 -5.47
C LYS C 22 10.86 2.43 -5.51
N PHE C 23 10.21 2.56 -6.67
CA PHE C 23 9.11 3.51 -6.85
C PHE C 23 7.87 2.65 -6.91
N ALA C 24 6.86 3.00 -6.11
CA ALA C 24 5.59 2.26 -6.08
C ALA C 24 5.79 0.76 -5.79
N ASN C 25 6.80 0.45 -4.97
CA ASN C 25 7.13 -0.93 -4.57
C ASN C 25 7.47 -1.89 -5.72
N VAL C 26 7.60 -1.39 -6.95
CA VAL C 26 7.89 -2.28 -8.07
C VAL C 26 8.99 -1.87 -9.04
N VAL C 27 9.11 -0.57 -9.30
CA VAL C 27 10.11 -0.08 -10.25
C VAL C 27 11.40 0.35 -9.58
N ASP C 28 12.54 -0.03 -10.17
CA ASP C 28 13.85 0.36 -9.63
C ASP C 28 13.99 1.87 -9.67
N TYR C 29 14.37 2.44 -8.52
CA TYR C 29 14.58 3.88 -8.37
C TYR C 29 15.59 4.33 -9.43
N TRP C 30 16.71 3.64 -9.49
CA TRP C 30 17.77 3.92 -10.46
C TRP C 30 17.41 3.10 -11.68
N TYR C 31 16.41 3.58 -12.43
CA TYR C 31 15.90 2.85 -13.59
C TYR C 31 16.91 2.41 -14.65
N GLY C 32 17.06 1.08 -14.77
CA GLY C 32 17.97 0.47 -15.73
C GLY C 32 19.44 0.79 -15.57
N ILE C 33 19.81 1.42 -14.46
CA ILE C 33 21.19 1.84 -14.21
C ILE C 33 22.11 0.74 -13.73
N GLN C 34 21.72 0.02 -12.69
CA GLN C 34 22.56 -1.05 -12.17
C GLN C 34 22.89 -2.10 -13.22
N SER C 35 21.89 -2.50 -14.01
CA SER C 35 22.12 -3.50 -15.04
C SER C 35 23.05 -3.01 -16.12
N ASP C 36 22.91 -1.75 -16.51
CA ASP C 36 23.78 -1.17 -17.54
C ASP C 36 25.22 -1.13 -17.07
N LEU C 37 25.43 -0.60 -15.86
CA LEU C 37 26.78 -0.51 -15.32
C LEU C 37 27.42 -1.88 -15.16
N GLN C 38 26.63 -2.85 -14.71
CA GLN C 38 27.12 -4.22 -14.53
C GLN C 38 27.59 -4.84 -15.83
N SER C 39 26.87 -4.54 -16.92
CA SER C 39 27.23 -5.07 -18.24
C SER C 39 28.56 -4.45 -18.71
N HIS C 40 28.96 -3.35 -18.09
CA HIS C 40 30.19 -2.69 -18.45
C HIS C 40 31.35 -2.98 -17.49
N GLY C 41 31.23 -4.07 -16.72
CA GLY C 41 32.28 -4.47 -15.81
C GLY C 41 32.31 -3.91 -14.41
N ALA C 42 31.36 -3.07 -14.06
CA ALA C 42 31.31 -2.50 -12.71
C ALA C 42 30.58 -3.41 -11.74
N LYS C 43 31.01 -3.40 -10.48
CA LYS C 43 30.37 -4.18 -9.42
C LYS C 43 29.48 -3.14 -8.75
N VAL C 44 28.19 -3.24 -9.00
CA VAL C 44 27.23 -2.26 -8.50
C VAL C 44 26.23 -2.77 -7.50
N TYR C 45 26.13 -2.06 -6.38
CA TYR C 45 25.22 -2.36 -5.30
C TYR C 45 24.25 -1.21 -5.16
N VAL C 46 23.02 -1.52 -4.77
CA VAL C 46 21.99 -0.50 -4.62
C VAL C 46 21.51 -0.45 -3.18
N ALA C 47 21.75 0.68 -2.53
CA ALA C 47 21.31 0.88 -1.14
C ALA C 47 19.78 0.90 -1.06
N ASN C 48 19.25 0.41 0.06
CA ASN C 48 17.82 0.34 0.28
C ASN C 48 17.57 0.90 1.68
N LEU C 49 17.35 2.21 1.75
CA LEU C 49 17.15 2.92 3.01
C LEU C 49 15.69 3.28 3.25
N SER C 50 15.19 2.94 4.44
CA SER C 50 13.79 3.20 4.76
C SER C 50 13.50 3.30 6.25
N GLY C 51 12.23 3.55 6.57
CA GLY C 51 11.78 3.64 7.93
C GLY C 51 11.94 5.01 8.57
N PHE C 52 13.00 5.73 8.17
CA PHE C 52 13.28 7.06 8.71
C PHE C 52 13.74 7.94 7.58
N GLN C 53 13.17 9.14 7.50
CA GLN C 53 13.52 10.09 6.46
C GLN C 53 14.85 10.78 6.71
N SER C 54 15.13 11.08 7.97
CA SER C 54 16.36 11.77 8.35
C SER C 54 17.63 10.97 8.14
N ASP C 55 18.72 11.70 7.84
CA ASP C 55 20.03 11.08 7.65
C ASP C 55 20.69 10.89 9.03
N ASP C 56 20.18 11.64 10.01
CA ASP C 56 20.67 11.64 11.39
C ASP C 56 20.11 10.57 12.33
N GLY C 57 20.88 10.30 13.38
CA GLY C 57 20.48 9.38 14.43
C GLY C 57 20.61 7.89 14.27
N PRO C 58 20.33 7.12 15.36
CA PRO C 58 20.41 5.66 15.30
C PRO C 58 19.27 5.27 14.39
N ASN C 59 19.51 4.35 13.46
CA ASN C 59 18.46 3.91 12.53
C ASN C 59 18.19 4.93 11.42
N GLY C 60 18.86 6.09 11.47
CA GLY C 60 18.69 7.10 10.43
C GLY C 60 19.32 6.60 9.15
N ARG C 61 19.13 7.30 8.04
CA ARG C 61 19.69 6.87 6.76
C ARG C 61 21.20 6.80 6.71
N GLY C 62 21.85 7.71 7.42
CA GLY C 62 23.29 7.69 7.44
C GLY C 62 23.82 6.40 8.04
N GLU C 63 23.27 6.01 9.19
CA GLU C 63 23.65 4.77 9.87
C GLU C 63 23.27 3.55 9.04
N GLN C 64 22.14 3.63 8.35
CA GLN C 64 21.69 2.54 7.50
C GLN C 64 22.65 2.35 6.33
N LEU C 65 23.10 3.46 5.74
CA LEU C 65 24.04 3.38 4.62
C LEU C 65 25.40 2.90 5.10
N LEU C 66 25.83 3.36 6.27
CA LEU C 66 27.11 2.93 6.83
C LEU C 66 27.11 1.42 7.03
N ALA C 67 26.02 0.91 7.59
CA ALA C 67 25.86 -0.54 7.82
C ALA C 67 25.91 -1.30 6.50
N TYR C 68 25.25 -0.74 5.48
CA TYR C 68 25.20 -1.34 4.15
C TYR C 68 26.57 -1.40 3.50
N VAL C 69 27.30 -0.28 3.57
CA VAL C 69 28.65 -0.20 3.01
C VAL C 69 29.55 -1.26 3.65
N LYS C 70 29.44 -1.42 4.97
CA LYS C 70 30.25 -2.42 5.68
C LYS C 70 29.90 -3.84 5.24
N GLN C 71 28.61 -4.07 4.96
CA GLN C 71 28.15 -5.38 4.50
C GLN C 71 28.68 -5.68 3.10
N VAL C 72 28.72 -4.65 2.25
CA VAL C 72 29.23 -4.80 0.89
C VAL C 72 30.74 -5.06 0.90
N LEU C 73 31.46 -4.37 1.77
CA LEU C 73 32.91 -4.55 1.86
C LEU C 73 33.27 -5.92 2.42
N ALA C 74 32.45 -6.42 3.33
CA ALA C 74 32.68 -7.74 3.93
C ALA C 74 32.45 -8.83 2.88
N ALA C 75 31.37 -8.69 2.12
CA ALA C 75 31.02 -9.64 1.08
C ALA C 75 32.04 -9.69 -0.06
N THR C 76 32.39 -8.51 -0.57
CA THR C 76 33.31 -8.38 -1.70
C THR C 76 34.80 -8.47 -1.41
N GLY C 77 35.22 -7.99 -0.24
CA GLY C 77 36.64 -8.00 0.05
C GLY C 77 37.30 -6.72 -0.38
N ALA C 78 36.51 -5.81 -0.94
CA ALA C 78 37.02 -4.52 -1.36
C ALA C 78 37.31 -3.73 -0.08
N THR C 79 38.21 -2.76 -0.15
CA THR C 79 38.54 -1.98 1.03
C THR C 79 37.79 -0.66 1.07
N LYS C 80 37.31 -0.22 -0.08
CA LYS C 80 36.58 1.05 -0.20
C LYS C 80 35.47 0.95 -1.24
N VAL C 81 34.61 1.96 -1.25
CA VAL C 81 33.50 2.03 -2.20
C VAL C 81 33.39 3.41 -2.85
N ASN C 82 32.72 3.46 -4.00
CA ASN C 82 32.46 4.71 -4.71
C ASN C 82 30.97 4.97 -4.48
N LEU C 83 30.65 6.07 -3.80
CA LEU C 83 29.26 6.40 -3.53
C LEU C 83 28.69 7.38 -4.56
N ILE C 84 27.52 7.05 -5.09
CA ILE C 84 26.84 7.92 -6.06
C ILE C 84 25.44 8.11 -5.51
N GLY C 85 25.15 9.33 -5.07
CA GLY C 85 23.84 9.60 -4.51
C GLY C 85 23.00 10.60 -5.27
N HIS C 86 21.68 10.41 -5.25
CA HIS C 86 20.75 11.31 -5.93
C HIS C 86 19.89 11.98 -4.89
N SER C 87 19.64 13.28 -5.07
CA SER C 87 18.78 14.04 -4.17
C SER C 87 19.31 13.92 -2.74
N GLN C 88 18.48 13.49 -1.79
CA GLN C 88 18.96 13.34 -0.41
C GLN C 88 20.06 12.29 -0.30
N GLY C 89 20.11 11.37 -1.27
CA GLY C 89 21.14 10.33 -1.28
C GLY C 89 22.55 10.90 -1.29
N GLY C 90 22.70 12.10 -1.85
CA GLY C 90 24.00 12.76 -1.87
C GLY C 90 24.39 13.20 -0.46
N LEU C 91 23.41 13.58 0.33
CA LEU C 91 23.64 13.98 1.72
C LEU C 91 23.91 12.73 2.56
N THR C 92 23.20 11.64 2.26
CA THR C 92 23.41 10.38 2.97
C THR C 92 24.81 9.85 2.71
N SER C 93 25.30 10.07 1.48
CA SER C 93 26.64 9.64 1.08
C SER C 93 27.70 10.42 1.83
N ARG C 94 27.44 11.72 2.04
CA ARG C 94 28.36 12.57 2.79
C ARG C 94 28.48 12.12 4.23
N TYR C 95 27.39 11.59 4.80
CA TYR C 95 27.40 11.08 6.16
C TYR C 95 28.48 9.99 6.28
N VAL C 96 28.42 9.00 5.41
CA VAL C 96 29.37 7.89 5.40
C VAL C 96 30.80 8.34 5.14
N ALA C 97 30.99 9.25 4.18
CA ALA C 97 32.31 9.77 3.86
C ALA C 97 32.90 10.51 5.07
N ALA C 98 32.03 11.06 5.91
CA ALA C 98 32.46 11.79 7.10
C ALA C 98 32.76 10.89 8.30
N VAL C 99 31.89 9.92 8.58
CA VAL C 99 32.06 9.02 9.73
C VAL C 99 32.97 7.82 9.49
N ALA C 100 33.13 7.44 8.23
CA ALA C 100 33.98 6.31 7.86
C ALA C 100 34.77 6.68 6.61
N PRO C 101 35.62 7.73 6.71
CA PRO C 101 36.41 8.17 5.56
C PRO C 101 37.29 7.12 4.89
N GLN C 102 37.78 6.19 5.69
CA GLN C 102 38.64 5.11 5.21
C GLN C 102 37.91 4.10 4.32
N LEU C 103 36.58 4.12 4.34
CA LEU C 103 35.80 3.18 3.54
C LEU C 103 35.28 3.77 2.24
N VAL C 104 35.62 5.01 1.98
CA VAL C 104 35.14 5.70 0.79
C VAL C 104 36.27 6.20 -0.10
N ALA C 105 36.14 5.96 -1.41
CA ALA C 105 37.13 6.40 -2.38
C ALA C 105 36.63 7.64 -3.12
N SER C 106 35.31 7.76 -3.26
CA SER C 106 34.72 8.90 -3.95
C SER C 106 33.29 9.15 -3.56
N VAL C 107 32.85 10.40 -3.72
CA VAL C 107 31.48 10.77 -3.43
C VAL C 107 31.00 11.60 -4.60
N THR C 108 29.94 11.13 -5.24
CA THR C 108 29.36 11.82 -6.39
C THR C 108 27.90 12.13 -6.07
N THR C 109 27.48 13.37 -6.25
CA THR C 109 26.10 13.72 -5.96
C THR C 109 25.37 14.19 -7.22
N ILE C 110 24.14 13.74 -7.38
CA ILE C 110 23.31 14.09 -8.54
C ILE C 110 22.07 14.80 -8.06
N GLY C 111 21.90 16.06 -8.45
CA GLY C 111 20.73 16.81 -8.03
C GLY C 111 20.54 16.88 -6.53
N THR C 112 21.64 16.99 -5.80
CA THR C 112 21.57 17.07 -4.35
C THR C 112 21.57 18.53 -3.92
N PRO C 113 20.53 18.94 -3.16
CA PRO C 113 20.44 20.32 -2.69
C PRO C 113 21.30 20.54 -1.44
N HIS C 114 22.61 20.54 -1.64
CA HIS C 114 23.57 20.73 -0.55
C HIS C 114 23.28 22.01 0.23
N ARG C 115 22.81 23.03 -0.48
CA ARG C 115 22.49 24.32 0.13
C ARG C 115 20.98 24.53 0.28
N GLY C 116 20.21 23.45 0.14
CA GLY C 116 18.77 23.55 0.28
C GLY C 116 17.98 23.72 -1.00
N SER C 117 16.69 23.44 -0.90
CA SER C 117 15.75 23.53 -2.01
C SER C 117 14.77 24.65 -1.71
N GLU C 118 14.62 25.60 -2.64
CA GLU C 118 13.67 26.70 -2.43
C GLU C 118 12.24 26.18 -2.44
N PHE C 119 12.01 25.02 -3.06
CA PHE C 119 10.66 24.46 -3.05
C PHE C 119 10.35 23.88 -1.69
N ALA C 120 11.35 23.24 -1.08
CA ALA C 120 11.19 22.68 0.25
C ALA C 120 10.91 23.84 1.23
N ASP C 121 11.53 24.99 0.98
CA ASP C 121 11.31 26.18 1.83
C ASP C 121 9.88 26.69 1.66
N PHE C 122 9.41 26.69 0.42
CA PHE C 122 8.05 27.14 0.08
C PHE C 122 7.05 26.28 0.86
N VAL C 123 7.27 24.96 0.83
CA VAL C 123 6.42 24.00 1.51
C VAL C 123 6.44 24.23 3.01
N GLN C 124 7.64 24.40 3.57
CA GLN C 124 7.81 24.64 5.00
C GLN C 124 6.97 25.84 5.45
N ASP C 125 6.95 26.88 4.61
CA ASP C 125 6.18 28.09 4.90
C ASP C 125 4.67 27.82 4.86
N VAL C 126 4.21 27.12 3.83
CA VAL C 126 2.79 26.78 3.70
C VAL C 126 2.29 25.94 4.87
N LEU C 127 3.12 24.99 5.31
CA LEU C 127 2.75 24.12 6.44
C LEU C 127 2.44 24.83 7.74
N LYS C 128 2.96 26.05 7.89
CA LYS C 128 2.70 26.86 9.08
C LYS C 128 1.22 27.24 9.15
N THR C 129 0.58 27.31 7.99
CA THR C 129 -0.83 27.65 7.89
C THR C 129 -1.69 26.41 7.66
N ASP C 130 -1.20 25.53 6.79
CA ASP C 130 -1.92 24.32 6.44
C ASP C 130 -0.97 23.13 6.51
N PRO C 131 -0.99 22.39 7.63
CA PRO C 131 -0.13 21.21 7.83
C PRO C 131 -0.24 20.10 6.78
N THR C 132 -1.26 20.15 5.93
CA THR C 132 -1.41 19.15 4.88
C THR C 132 -0.71 19.66 3.62
N GLY C 133 -0.63 20.98 3.50
CA GLY C 133 0.01 21.61 2.36
C GLY C 133 -0.84 21.65 1.10
N LEU C 134 -1.97 20.95 1.11
CA LEU C 134 -2.85 20.86 -0.05
C LEU C 134 -3.56 22.14 -0.49
N SER C 135 -3.49 23.18 0.34
CA SER C 135 -4.11 24.47 0.00
C SER C 135 -3.34 25.20 -1.10
N SER C 136 -2.18 24.66 -1.44
CA SER C 136 -1.36 25.20 -2.51
C SER C 136 -1.55 24.25 -3.68
N THR C 137 -2.01 24.79 -4.81
CA THR C 137 -2.22 23.95 -6.00
C THR C 137 -0.92 23.30 -6.49
N VAL C 138 0.21 23.97 -6.25
CA VAL C 138 1.51 23.44 -6.67
C VAL C 138 1.92 22.27 -5.79
N ILE C 139 1.68 22.40 -4.48
CA ILE C 139 2.02 21.32 -3.55
C ILE C 139 1.10 20.13 -3.84
N ALA C 140 -0.17 20.43 -4.10
CA ALA C 140 -1.17 19.39 -4.41
C ALA C 140 -0.73 18.58 -5.63
N ALA C 141 -0.20 19.27 -6.63
CA ALA C 141 0.30 18.64 -7.86
C ALA C 141 1.52 17.79 -7.58
N PHE C 142 2.43 18.32 -6.75
CA PHE C 142 3.65 17.60 -6.38
C PHE C 142 3.28 16.28 -5.70
N VAL C 143 2.40 16.38 -4.69
CA VAL C 143 1.95 15.22 -3.94
C VAL C 143 1.20 14.22 -4.82
N ASN C 144 0.37 14.73 -5.74
CA ASN C 144 -0.38 13.87 -6.66
C ASN C 144 0.50 12.96 -7.48
N VAL C 145 1.71 13.44 -7.80
CA VAL C 145 2.67 12.67 -8.57
C VAL C 145 3.61 11.87 -7.68
N PHE C 146 4.37 12.55 -6.84
CA PHE C 146 5.33 11.89 -5.96
C PHE C 146 4.71 10.96 -4.96
N GLY C 147 3.43 11.18 -4.63
CA GLY C 147 2.73 10.33 -3.70
C GLY C 147 2.57 8.93 -4.27
N THR C 148 2.42 8.84 -5.59
CA THR C 148 2.26 7.54 -6.26
C THR C 148 3.58 6.78 -6.37
N LEU C 149 4.70 7.45 -6.08
CA LEU C 149 6.02 6.85 -6.15
C LEU C 149 6.52 6.31 -4.82
N VAL C 150 5.85 6.69 -3.73
CA VAL C 150 6.25 6.25 -2.40
C VAL C 150 6.03 4.74 -2.21
N SER C 151 7.04 4.08 -1.69
CA SER C 151 6.99 2.64 -1.44
C SER C 151 6.89 2.35 0.05
N SER C 152 6.40 1.16 0.38
CA SER C 152 6.27 0.71 1.78
C SER C 152 5.55 1.72 2.69
N SER C 153 4.49 2.34 2.17
CA SER C 153 3.75 3.33 2.93
C SER C 153 2.25 3.26 2.67
N HIS C 154 1.48 3.50 3.74
CA HIS C 154 0.03 3.49 3.66
C HIS C 154 -0.53 4.90 3.72
N ASN C 155 0.36 5.89 3.74
CA ASN C 155 0.01 7.31 3.80
C ASN C 155 1.01 8.05 2.93
N THR C 156 1.00 7.72 1.65
CA THR C 156 1.90 8.27 0.64
C THR C 156 1.93 9.78 0.52
N ASP C 157 0.76 10.41 0.52
CA ASP C 157 0.66 11.87 0.44
C ASP C 157 1.53 12.57 1.47
N GLN C 158 1.35 12.17 2.73
CA GLN C 158 2.12 12.73 3.84
C GLN C 158 3.61 12.42 3.76
N ASP C 159 3.96 11.18 3.37
CA ASP C 159 5.36 10.77 3.27
C ASP C 159 6.11 11.46 2.14
N ALA C 160 5.44 11.67 1.01
CA ALA C 160 6.06 12.32 -0.15
C ALA C 160 6.41 13.76 0.21
N LEU C 161 5.51 14.40 0.94
CA LEU C 161 5.74 15.78 1.36
C LEU C 161 6.81 15.83 2.46
N ALA C 162 6.81 14.81 3.32
CA ALA C 162 7.78 14.72 4.42
C ALA C 162 9.22 14.56 3.93
N ALA C 163 9.37 14.08 2.69
CA ALA C 163 10.69 13.92 2.08
C ALA C 163 11.39 15.25 1.83
N LEU C 164 10.61 16.34 1.81
CA LEU C 164 11.16 17.67 1.59
C LEU C 164 11.69 18.32 2.84
N ARG C 165 11.23 17.85 4.00
CA ARG C 165 11.64 18.40 5.30
C ARG C 165 13.15 18.45 5.52
N THR C 166 13.85 17.43 5.03
CA THR C 166 15.31 17.36 5.18
C THR C 166 16.05 18.25 4.18
N LEU C 167 15.34 18.76 3.18
CA LEU C 167 15.95 19.55 2.11
C LEU C 167 15.78 21.06 2.18
N THR C 168 15.25 21.56 3.29
CA THR C 168 15.07 23.01 3.43
C THR C 168 16.42 23.69 3.57
N THR C 169 16.47 25.00 3.28
CA THR C 169 17.70 25.76 3.42
C THR C 169 18.18 25.69 4.86
N ALA C 170 17.23 25.74 5.81
CA ALA C 170 17.54 25.69 7.24
C ALA C 170 18.13 24.35 7.65
N GLN C 171 17.46 23.26 7.27
CA GLN C 171 17.92 21.92 7.60
C GLN C 171 19.26 21.55 6.98
N THR C 172 19.46 21.92 5.72
CA THR C 172 20.73 21.63 5.06
C THR C 172 21.87 22.46 5.63
N ALA C 173 21.55 23.67 6.10
CA ALA C 173 22.54 24.56 6.70
C ALA C 173 23.06 23.89 7.97
N THR C 174 22.14 23.34 8.77
CA THR C 174 22.49 22.65 10.00
C THR C 174 23.28 21.38 9.65
N TYR C 175 22.84 20.67 8.61
CA TYR C 175 23.52 19.45 8.19
C TYR C 175 24.97 19.73 7.79
N ASN C 176 25.18 20.84 7.07
CA ASN C 176 26.53 21.22 6.64
C ASN C 176 27.43 21.60 7.80
N ARG C 177 26.82 22.08 8.88
CA ARG C 177 27.56 22.43 10.09
C ARG C 177 27.95 21.12 10.80
N ASN C 178 27.04 20.16 10.78
CA ASN C 178 27.24 18.87 11.42
C ASN C 178 28.14 17.90 10.67
N PHE C 179 28.23 18.08 9.35
CA PHE C 179 29.06 17.23 8.48
C PHE C 179 29.79 18.11 7.46
N PRO C 180 30.78 18.91 7.92
CA PRO C 180 31.52 19.80 7.02
C PRO C 180 32.27 19.07 5.91
N SER C 181 32.41 19.74 4.77
CA SER C 181 33.13 19.19 3.64
C SER C 181 33.78 20.29 2.84
N ALA C 182 35.04 20.08 2.47
CA ALA C 182 35.78 21.06 1.66
C ALA C 182 35.22 21.05 0.24
N GLY C 183 34.38 20.07 -0.07
CA GLY C 183 33.76 19.98 -1.38
C GLY C 183 32.73 21.07 -1.63
N LEU C 184 32.24 21.66 -0.55
CA LEU C 184 31.26 22.74 -0.64
C LEU C 184 31.97 24.07 -0.74
N GLY C 185 31.52 24.91 -1.66
CA GLY C 185 32.14 26.22 -1.85
C GLY C 185 31.70 27.28 -0.87
N ALA C 186 32.05 28.53 -1.17
CA ALA C 186 31.69 29.65 -0.32
C ALA C 186 30.18 29.90 -0.35
N PRO C 187 29.54 29.97 0.83
CA PRO C 187 28.08 30.19 0.92
C PRO C 187 27.63 31.46 0.17
N GLY C 188 26.61 31.30 -0.67
CA GLY C 188 26.09 32.42 -1.44
C GLY C 188 26.96 32.90 -2.59
N SER C 189 27.95 32.10 -2.98
CA SER C 189 28.83 32.48 -4.09
C SER C 189 28.48 31.74 -5.36
N CYS C 190 27.63 30.72 -5.22
CA CYS C 190 27.21 29.87 -6.34
C CYS C 190 28.44 29.30 -7.06
N GLN C 191 29.44 28.94 -6.27
CA GLN C 191 30.67 28.36 -6.77
C GLN C 191 30.89 27.10 -5.96
N THR C 192 31.51 26.10 -6.58
CA THR C 192 31.78 24.85 -5.88
C THR C 192 33.06 24.92 -5.04
N GLY C 193 33.33 23.85 -4.30
CA GLY C 193 34.53 23.81 -3.48
C GLY C 193 35.66 23.05 -4.12
N ALA C 194 36.40 22.32 -3.29
CA ALA C 194 37.55 21.54 -3.75
C ALA C 194 37.13 20.25 -4.43
N ALA C 195 37.91 19.82 -5.42
CA ALA C 195 37.65 18.59 -6.17
C ALA C 195 37.98 17.34 -5.37
N THR C 196 38.88 17.47 -4.40
CA THR C 196 39.29 16.34 -3.58
C THR C 196 39.37 16.76 -2.12
N GLU C 197 39.42 15.77 -1.24
CA GLU C 197 39.51 16.00 0.19
C GLU C 197 40.26 14.82 0.79
N THR C 198 41.11 15.10 1.76
CA THR C 198 41.85 14.04 2.44
C THR C 198 41.48 14.14 3.92
N VAL C 199 40.67 13.20 4.38
CA VAL C 199 40.22 13.18 5.76
C VAL C 199 40.50 11.83 6.39
N GLY C 200 40.95 11.84 7.65
CA GLY C 200 41.29 10.59 8.33
C GLY C 200 42.37 9.84 7.56
N GLY C 201 43.18 10.61 6.83
CA GLY C 201 44.25 10.04 6.02
C GLY C 201 43.81 9.40 4.72
N SER C 202 42.52 9.49 4.42
CA SER C 202 41.97 8.90 3.20
C SER C 202 41.55 9.98 2.20
N GLN C 203 42.06 9.87 0.98
CA GLN C 203 41.72 10.82 -0.07
C GLN C 203 40.39 10.46 -0.72
N HIS C 204 39.51 11.46 -0.85
CA HIS C 204 38.22 11.26 -1.48
C HIS C 204 38.13 12.13 -2.72
N LEU C 205 37.65 11.57 -3.82
CA LEU C 205 37.43 12.33 -5.04
C LEU C 205 35.97 12.77 -4.95
N LEU C 206 35.72 14.07 -5.08
CA LEU C 206 34.37 14.60 -4.97
C LEU C 206 33.84 15.09 -6.31
N TYR C 207 32.60 14.74 -6.62
CA TYR C 207 31.98 15.11 -7.89
C TYR C 207 30.50 15.41 -7.75
N SER C 208 29.96 16.08 -8.75
CA SER C 208 28.54 16.39 -8.79
C SER C 208 28.08 16.86 -10.14
N TRP C 209 26.77 16.77 -10.34
CA TRP C 209 26.12 17.31 -11.52
C TRP C 209 24.68 17.56 -11.15
N GLY C 210 24.00 18.36 -11.97
CA GLY C 210 22.61 18.66 -11.69
C GLY C 210 21.88 18.97 -12.97
N GLY C 211 20.55 18.97 -12.90
CA GLY C 211 19.75 19.25 -14.07
C GLY C 211 19.23 20.68 -14.03
N THR C 212 19.18 21.31 -15.21
CA THR C 212 18.68 22.68 -15.31
C THR C 212 17.63 22.80 -16.42
N ALA C 213 16.70 21.84 -16.47
CA ALA C 213 15.63 21.89 -17.47
C ALA C 213 14.75 23.11 -17.31
N ILE C 214 14.46 23.46 -16.06
CA ILE C 214 13.59 24.60 -15.76
C ILE C 214 14.39 25.89 -15.79
N GLN C 215 14.11 26.69 -16.82
CA GLN C 215 14.81 27.95 -17.03
C GLN C 215 13.92 29.16 -16.83
N PRO C 216 14.46 30.24 -16.22
CA PRO C 216 13.64 31.43 -16.03
C PRO C 216 13.43 32.13 -17.37
N THR C 217 12.31 32.83 -17.51
CA THR C 217 12.02 33.54 -18.76
C THR C 217 11.75 34.99 -18.43
N SER C 218 12.53 35.89 -19.04
CA SER C 218 12.42 37.35 -18.85
C SER C 218 11.30 37.84 -17.93
N THR C 224 9.13 37.16 -13.89
CA THR C 224 9.94 36.07 -14.41
C THR C 224 9.19 34.75 -14.34
N GLY C 225 8.88 34.18 -15.51
CA GLY C 225 8.19 32.91 -15.59
C GLY C 225 9.19 31.77 -15.74
N ALA C 226 8.70 30.59 -16.10
CA ALA C 226 9.57 29.43 -16.26
C ALA C 226 9.18 28.57 -17.46
N THR C 227 10.20 28.03 -18.12
CA THR C 227 10.00 27.15 -19.27
C THR C 227 10.77 25.86 -19.04
N ASP C 228 10.20 24.75 -19.49
CA ASP C 228 10.83 23.44 -19.38
C ASP C 228 11.61 23.22 -20.68
N THR C 229 12.93 23.30 -20.61
CA THR C 229 13.78 23.12 -21.78
C THR C 229 14.12 21.67 -22.13
N SER C 230 13.62 20.72 -21.34
CA SER C 230 13.87 19.31 -21.61
C SER C 230 12.93 18.83 -22.70
N THR C 231 11.79 19.49 -22.81
CA THR C 231 10.75 19.15 -23.77
C THR C 231 10.66 20.13 -24.92
N GLY C 232 10.23 19.64 -26.08
CA GLY C 232 10.05 20.51 -27.24
C GLY C 232 8.76 21.29 -27.06
N THR C 233 8.37 22.08 -28.08
CA THR C 233 7.12 22.86 -28.02
C THR C 233 5.97 22.00 -27.51
N LEU C 234 5.84 20.82 -28.11
CA LEU C 234 4.84 19.83 -27.73
C LEU C 234 5.67 18.58 -27.50
N ASP C 235 5.39 17.86 -26.42
CA ASP C 235 6.17 16.65 -26.12
C ASP C 235 5.34 15.58 -25.45
N VAL C 236 5.52 14.33 -25.90
CA VAL C 236 4.82 13.18 -25.35
C VAL C 236 5.13 12.98 -23.85
N ALA C 237 6.33 13.40 -23.44
CA ALA C 237 6.77 13.28 -22.04
C ALA C 237 5.83 14.01 -21.08
N ASN C 238 5.16 15.04 -21.58
CA ASN C 238 4.21 15.82 -20.77
C ASN C 238 2.96 15.01 -20.46
N VAL C 239 2.70 14.01 -21.30
CA VAL C 239 1.53 13.16 -21.15
C VAL C 239 1.81 11.84 -20.46
N THR C 240 2.89 11.16 -20.87
CA THR C 240 3.24 9.86 -20.31
C THR C 240 3.92 9.90 -18.94
N ASP C 241 4.71 10.95 -18.70
CA ASP C 241 5.42 11.11 -17.44
C ASP C 241 4.79 12.26 -16.65
N PRO C 242 3.93 11.95 -15.65
CA PRO C 242 3.27 13.00 -14.85
C PRO C 242 4.19 13.97 -14.11
N SER C 243 5.43 13.56 -13.85
CA SER C 243 6.37 14.40 -13.15
C SER C 243 6.91 15.57 -13.97
N THR C 244 6.77 15.50 -15.29
CA THR C 244 7.26 16.56 -16.18
C THR C 244 6.62 17.92 -15.90
N LEU C 245 5.29 17.97 -15.93
CA LEU C 245 4.58 19.22 -15.67
C LEU C 245 4.61 19.60 -14.20
N ALA C 246 4.64 18.59 -13.33
CA ALA C 246 4.69 18.83 -11.89
C ALA C 246 5.96 19.54 -11.49
N LEU C 247 7.09 19.07 -12.02
CA LEU C 247 8.38 19.67 -11.74
C LEU C 247 8.53 21.04 -12.40
N LEU C 248 7.76 21.28 -13.45
CA LEU C 248 7.77 22.60 -14.09
C LEU C 248 7.06 23.55 -13.13
N ALA C 249 5.96 23.10 -12.55
CA ALA C 249 5.19 23.91 -11.60
C ALA C 249 5.99 24.22 -10.34
N THR C 250 6.67 23.21 -9.80
CA THR C 250 7.49 23.41 -8.60
C THR C 250 8.72 24.27 -8.93
N GLY C 251 9.25 24.08 -10.13
CA GLY C 251 10.41 24.86 -10.58
C GLY C 251 10.09 26.33 -10.79
N ALA C 252 8.84 26.64 -11.14
CA ALA C 252 8.40 28.02 -11.33
C ALA C 252 8.35 28.74 -9.99
N VAL C 253 7.93 28.01 -8.96
CA VAL C 253 7.87 28.57 -7.60
C VAL C 253 9.30 28.87 -7.15
N MET C 254 10.22 27.95 -7.45
CA MET C 254 11.62 28.12 -7.09
C MET C 254 12.20 29.38 -7.72
N ILE C 255 11.88 29.59 -8.99
CA ILE C 255 12.36 30.76 -9.73
C ILE C 255 11.83 32.05 -9.10
N ASN C 256 10.60 31.99 -8.58
CA ASN C 256 10.01 33.14 -7.91
C ASN C 256 10.66 33.38 -6.55
N ARG C 257 11.42 32.39 -6.08
CA ARG C 257 12.13 32.49 -4.82
C ARG C 257 13.62 32.74 -5.07
N ALA C 258 13.92 33.25 -6.26
CA ALA C 258 15.28 33.60 -6.68
C ALA C 258 16.27 32.43 -6.77
N SER C 259 15.76 31.24 -7.08
CA SER C 259 16.61 30.05 -7.18
C SER C 259 17.49 30.04 -8.43
N GLY C 260 16.97 30.62 -9.50
CA GLY C 260 17.67 30.62 -10.78
C GLY C 260 17.30 29.29 -11.42
N GLN C 261 17.97 28.92 -12.51
CA GLN C 261 17.69 27.66 -13.21
C GLN C 261 17.73 26.47 -12.24
N ASN C 262 16.86 25.49 -12.48
CA ASN C 262 16.75 24.35 -11.56
C ASN C 262 16.20 23.10 -12.25
N ASP C 263 16.06 22.04 -11.47
CA ASP C 263 15.51 20.79 -12.00
C ASP C 263 14.08 20.54 -11.49
N GLY C 264 13.52 21.57 -10.86
CA GLY C 264 12.19 21.47 -10.30
C GLY C 264 12.22 21.44 -8.79
N LEU C 265 13.31 20.95 -8.21
CA LEU C 265 13.45 20.87 -6.76
C LEU C 265 14.79 21.37 -6.28
N VAL C 266 15.79 21.33 -7.15
CA VAL C 266 17.16 21.72 -6.80
C VAL C 266 17.72 22.70 -7.80
N SER C 267 18.22 23.83 -7.29
CA SER C 267 18.82 24.85 -8.14
C SER C 267 20.23 24.46 -8.55
N ARG C 268 20.73 25.09 -9.62
CA ARG C 268 22.09 24.84 -10.08
C ARG C 268 23.09 25.14 -8.96
N CYS C 269 22.92 26.30 -8.33
CA CYS C 269 23.82 26.72 -7.26
C CYS C 269 23.87 25.76 -6.07
N SER C 270 22.71 25.28 -5.66
CA SER C 270 22.61 24.37 -4.53
C SER C 270 23.21 22.99 -4.81
N SER C 271 23.20 22.59 -6.08
CA SER C 271 23.71 21.28 -6.49
C SER C 271 25.23 21.16 -6.54
N LEU C 272 25.93 22.29 -6.49
CA LEU C 272 27.39 22.31 -6.58
C LEU C 272 28.16 21.64 -5.44
N PHE C 273 28.95 20.64 -5.81
CA PHE C 273 29.76 19.91 -4.83
C PHE C 273 30.95 19.30 -5.55
N GLY C 274 32.13 19.49 -4.96
CA GLY C 274 33.35 18.96 -5.54
C GLY C 274 33.58 19.41 -6.97
N GLN C 275 34.07 18.51 -7.80
CA GLN C 275 34.31 18.81 -9.21
C GLN C 275 32.97 18.69 -9.92
N VAL C 276 32.48 19.81 -10.43
CA VAL C 276 31.20 19.83 -11.11
C VAL C 276 31.35 19.35 -12.56
N ILE C 277 30.79 18.18 -12.83
CA ILE C 277 30.85 17.60 -14.16
C ILE C 277 30.09 18.49 -15.13
N SER C 278 28.86 18.84 -14.75
CA SER C 278 28.00 19.68 -15.57
C SER C 278 26.70 20.03 -14.89
N THR C 279 26.18 21.20 -15.24
CA THR C 279 24.88 21.64 -14.73
C THR C 279 24.10 22.14 -15.93
N SER C 280 24.50 21.68 -17.12
CA SER C 280 23.85 22.06 -18.37
C SER C 280 22.85 21.04 -18.89
N TYR C 281 22.78 19.87 -18.25
CA TYR C 281 21.85 18.84 -18.67
C TYR C 281 20.41 19.36 -18.62
N HIS C 282 19.69 19.19 -19.73
CA HIS C 282 18.30 19.63 -19.84
C HIS C 282 17.42 18.59 -19.14
N TRP C 283 17.55 18.52 -17.81
CA TRP C 283 16.82 17.53 -17.02
C TRP C 283 16.06 18.06 -15.83
N ASN C 284 14.95 17.39 -15.51
CA ASN C 284 14.24 17.73 -14.29
C ASN C 284 14.76 16.73 -13.25
N HIS C 285 14.31 16.83 -12.00
CA HIS C 285 14.77 15.97 -10.91
C HIS C 285 14.69 14.47 -11.15
N LEU C 286 13.65 14.03 -11.84
CA LEU C 286 13.46 12.61 -12.12
C LEU C 286 14.22 12.11 -13.34
N ASP C 287 14.49 13.00 -14.30
CA ASP C 287 15.25 12.61 -15.49
C ASP C 287 16.64 12.17 -15.07
N GLU C 288 17.15 12.77 -14.00
CA GLU C 288 18.48 12.46 -13.45
C GLU C 288 18.67 10.98 -13.11
N ILE C 289 17.57 10.30 -12.81
CA ILE C 289 17.62 8.87 -12.48
C ILE C 289 16.88 8.02 -13.51
N ASN C 290 16.74 8.56 -14.73
CA ASN C 290 16.07 7.86 -15.84
C ASN C 290 14.61 7.54 -15.56
N GLN C 291 13.94 8.47 -14.90
CA GLN C 291 12.53 8.33 -14.54
C GLN C 291 11.63 9.35 -15.25
N LEU C 292 10.35 9.05 -15.44
CA LEU C 292 9.69 7.80 -15.04
C LEU C 292 9.78 6.73 -16.11
N LEU C 293 10.28 5.56 -15.73
CA LEU C 293 10.43 4.44 -16.65
C LEU C 293 11.17 4.75 -17.94
N GLY C 294 12.23 5.56 -17.82
CA GLY C 294 13.03 5.92 -18.98
C GLY C 294 12.45 7.01 -19.87
N VAL C 295 11.35 7.62 -19.45
CA VAL C 295 10.73 8.68 -20.25
C VAL C 295 11.33 10.05 -19.91
N ARG C 296 11.80 10.74 -20.93
CA ARG C 296 12.38 12.08 -20.76
C ARG C 296 12.05 12.92 -21.98
N GLY C 297 12.14 14.24 -21.83
CA GLY C 297 11.86 15.13 -22.94
C GLY C 297 12.81 14.94 -24.11
N ALA C 298 12.42 15.44 -25.28
CA ALA C 298 13.22 15.32 -26.50
C ALA C 298 14.61 15.93 -26.44
N ASN C 299 14.78 16.96 -25.62
CA ASN C 299 16.07 17.63 -25.51
C ASN C 299 16.92 17.12 -24.35
N ALA C 300 16.40 16.16 -23.61
CA ALA C 300 17.12 15.61 -22.47
C ALA C 300 18.22 14.61 -22.85
N GLU C 301 19.38 14.77 -22.23
CA GLU C 301 20.53 13.89 -22.45
C GLU C 301 20.18 12.54 -21.82
N ASP C 302 20.86 11.47 -22.24
CA ASP C 302 20.59 10.14 -21.70
C ASP C 302 21.25 10.00 -20.33
N PRO C 303 20.43 9.87 -19.26
CA PRO C 303 21.02 9.73 -17.92
C PRO C 303 21.81 8.46 -17.67
N VAL C 304 21.47 7.40 -18.38
CA VAL C 304 22.19 6.14 -18.24
C VAL C 304 23.59 6.31 -18.85
N ALA C 305 23.66 7.02 -19.97
CA ALA C 305 24.92 7.29 -20.64
C ALA C 305 25.80 8.21 -19.79
N VAL C 306 25.17 9.17 -19.10
CA VAL C 306 25.90 10.09 -18.24
C VAL C 306 26.54 9.33 -17.08
N ILE C 307 25.78 8.43 -16.45
CA ILE C 307 26.31 7.66 -15.33
C ILE C 307 27.39 6.69 -15.78
N ARG C 308 27.15 6.04 -16.92
CA ARG C 308 28.10 5.11 -17.51
C ARG C 308 29.42 5.85 -17.78
N THR C 309 29.30 7.06 -18.29
CA THR C 309 30.46 7.91 -18.56
C THR C 309 31.20 8.27 -17.28
N HIS C 310 30.47 8.57 -16.21
CA HIS C 310 31.10 8.94 -14.95
C HIS C 310 31.84 7.78 -14.29
N VAL C 311 31.29 6.58 -14.39
CA VAL C 311 31.96 5.41 -13.81
C VAL C 311 33.25 5.12 -14.57
N ASN C 312 33.27 5.48 -15.86
CA ASN C 312 34.48 5.30 -16.67
C ASN C 312 35.48 6.34 -16.18
N ARG C 313 34.99 7.55 -15.89
CA ARG C 313 35.82 8.64 -15.35
C ARG C 313 36.45 8.22 -14.03
N LEU C 314 35.65 7.55 -13.20
CA LEU C 314 36.13 7.05 -11.90
C LEU C 314 37.21 6.00 -12.11
N LYS C 315 36.97 5.08 -13.05
CA LYS C 315 37.94 4.03 -13.36
C LYS C 315 39.28 4.63 -13.78
N LEU C 316 39.23 5.66 -14.63
CA LEU C 316 40.44 6.32 -15.11
C LEU C 316 41.19 7.09 -14.04
N GLN C 317 40.51 7.40 -12.93
CA GLN C 317 41.13 8.09 -11.82
C GLN C 317 41.76 7.13 -10.83
N GLY C 318 41.62 5.83 -11.10
CA GLY C 318 42.19 4.82 -10.23
C GLY C 318 41.33 4.32 -9.09
N VAL C 319 40.04 4.67 -9.09
CA VAL C 319 39.13 4.20 -8.04
C VAL C 319 38.15 3.17 -8.59
N MET D 53 42.91 32.74 -19.77
CA MET D 53 43.75 31.81 -18.96
C MET D 53 43.51 30.35 -19.35
N PRO D 54 44.49 29.46 -19.08
CA PRO D 54 44.38 28.03 -19.40
C PRO D 54 43.13 27.36 -18.85
N LEU D 55 42.51 26.53 -19.69
CA LEU D 55 41.30 25.81 -19.30
C LEU D 55 41.65 24.58 -18.47
N PRO D 56 40.79 24.21 -17.50
CA PRO D 56 41.03 23.05 -16.63
C PRO D 56 40.80 21.71 -17.34
N ALA D 57 40.17 21.76 -18.50
CA ALA D 57 39.88 20.56 -19.30
C ALA D 57 39.80 20.89 -20.77
N ALA D 58 40.21 19.94 -21.62
CA ALA D 58 40.18 20.11 -23.07
C ALA D 58 38.82 19.85 -23.69
N LEU D 59 38.04 18.97 -23.07
CA LEU D 59 36.72 18.60 -23.58
C LEU D 59 35.61 19.25 -22.75
N PRO D 60 34.36 19.28 -23.27
CA PRO D 60 33.30 19.89 -22.46
C PRO D 60 33.16 19.08 -21.16
N GLY D 61 32.73 19.75 -20.09
CA GLY D 61 32.58 19.11 -18.79
C GLY D 61 31.97 17.74 -18.74
N ALA D 62 30.91 17.52 -19.52
CA ALA D 62 30.22 16.22 -19.56
C ALA D 62 31.12 15.06 -19.98
N LEU D 63 32.10 15.35 -20.82
CA LEU D 63 33.01 14.32 -21.32
C LEU D 63 34.40 14.32 -20.71
N ALA D 64 34.85 15.48 -20.22
CA ALA D 64 36.19 15.61 -19.63
C ALA D 64 36.45 14.56 -18.55
N GLY D 65 37.62 13.91 -18.63
CA GLY D 65 37.99 12.89 -17.67
C GLY D 65 37.59 11.49 -18.06
N SER D 66 36.82 11.36 -19.13
CA SER D 66 36.38 10.06 -19.62
C SER D 66 36.90 9.79 -21.01
N HIS D 67 36.82 8.54 -21.43
CA HIS D 67 37.25 8.13 -22.75
C HIS D 67 36.03 7.60 -23.47
N ALA D 68 36.02 7.77 -24.79
CA ALA D 68 34.90 7.30 -25.58
C ALA D 68 34.81 5.79 -25.60
N PRO D 69 33.59 5.22 -25.58
CA PRO D 69 33.46 3.77 -25.62
C PRO D 69 33.81 3.32 -27.04
N ARG D 70 34.16 2.05 -27.19
CA ARG D 70 34.57 1.53 -28.48
C ARG D 70 33.45 1.17 -29.46
N LEU D 71 33.62 1.61 -30.71
CA LEU D 71 32.66 1.27 -31.76
C LEU D 71 32.97 -0.18 -32.15
N PRO D 72 31.97 -1.08 -32.03
CA PRO D 72 32.16 -2.51 -32.36
C PRO D 72 32.30 -2.79 -33.86
N LEU D 73 33.26 -3.65 -34.19
CA LEU D 73 33.51 -4.02 -35.59
C LEU D 73 33.29 -5.49 -35.81
N ALA D 74 32.63 -5.83 -36.91
CA ALA D 74 32.35 -7.21 -37.26
C ALA D 74 33.49 -7.74 -38.13
N ALA D 75 33.61 -9.06 -38.23
CA ALA D 75 34.66 -9.70 -39.04
C ALA D 75 34.71 -9.18 -40.48
N GLY D 76 33.58 -8.64 -40.95
CA GLY D 76 33.51 -8.11 -42.29
C GLY D 76 34.04 -6.68 -42.42
N GLY D 77 34.58 -6.15 -41.33
CA GLY D 77 35.10 -4.79 -41.33
C GLY D 77 34.00 -3.76 -41.15
N ARG D 78 32.75 -4.21 -41.20
CA ARG D 78 31.59 -3.33 -41.03
C ARG D 78 31.28 -3.19 -39.55
N LEU D 79 30.41 -2.25 -39.22
CA LEU D 79 30.01 -2.03 -37.84
C LEU D 79 29.13 -3.16 -37.36
N ALA D 80 29.45 -3.70 -36.18
CA ALA D 80 28.67 -4.78 -35.59
C ALA D 80 27.30 -4.22 -35.25
N ARG D 81 26.25 -4.98 -35.60
CA ARG D 81 24.88 -4.55 -35.33
C ARG D 81 24.50 -4.77 -33.87
N THR D 82 25.04 -3.92 -33.00
CA THR D 82 24.76 -4.04 -31.57
C THR D 82 24.45 -2.69 -30.95
N ARG D 83 23.97 -2.73 -29.71
CA ARG D 83 23.63 -1.52 -28.95
C ARG D 83 24.85 -0.67 -28.64
N ALA D 84 26.03 -1.27 -28.77
CA ALA D 84 27.29 -0.57 -28.53
C ALA D 84 27.48 0.61 -29.48
N VAL D 85 26.86 0.55 -30.66
CA VAL D 85 26.95 1.63 -31.63
C VAL D 85 26.16 2.82 -31.09
N ARG D 86 24.99 2.54 -30.51
CA ARG D 86 24.16 3.58 -29.92
C ARG D 86 24.83 4.23 -28.73
N GLU D 87 25.47 3.39 -27.90
CA GLU D 87 26.15 3.89 -26.70
C GLU D 87 27.26 4.87 -27.05
N PHE D 88 27.91 4.65 -28.18
CA PHE D 88 28.96 5.55 -28.63
C PHE D 88 28.37 6.94 -28.88
N PHE D 89 27.28 6.98 -29.63
CA PHE D 89 26.62 8.24 -29.95
C PHE D 89 25.97 8.88 -28.71
N ASP D 90 25.36 8.10 -27.82
CA ASP D 90 24.75 8.68 -26.63
C ASP D 90 25.84 9.30 -25.72
N TYR D 91 27.06 8.77 -25.83
CA TYR D 91 28.18 9.30 -25.06
C TYR D 91 28.47 10.72 -25.52
N CSO D 92 28.72 10.89 -26.82
CA CSO D 92 28.99 12.23 -27.33
CB CSO D 92 29.30 12.17 -28.84
SG CSO D 92 30.61 11.21 -29.33
C CSO D 92 27.80 13.14 -27.08
O CSO D 92 27.96 14.31 -26.72
OD CSO D 92 31.66 12.31 -28.76
N LEU D 93 26.59 12.61 -27.25
CA LEU D 93 25.39 13.40 -27.04
C LEU D 93 25.15 13.90 -25.61
N THR D 94 25.88 13.39 -24.61
CA THR D 94 25.66 13.87 -23.24
C THR D 94 26.22 15.29 -23.15
N ALA D 95 26.98 15.71 -24.17
CA ALA D 95 27.54 17.07 -24.20
C ALA D 95 26.70 18.02 -25.05
N GLN D 96 25.57 17.53 -25.58
CA GLN D 96 24.71 18.35 -26.45
C GLN D 96 24.21 19.66 -25.84
N GLY D 97 24.06 19.68 -24.51
CA GLY D 97 23.60 20.86 -23.82
C GLY D 97 24.67 21.92 -23.64
N GLU D 98 25.92 21.55 -23.91
CA GLU D 98 27.07 22.45 -23.76
C GLU D 98 27.63 22.91 -25.09
N LEU D 99 27.10 22.39 -26.20
CA LEU D 99 27.61 22.71 -27.53
C LEU D 99 26.53 23.13 -28.50
N THR D 100 26.92 23.92 -29.50
CA THR D 100 25.98 24.34 -30.54
C THR D 100 25.76 23.06 -31.37
N PRO D 101 24.69 23.01 -32.18
CA PRO D 101 24.44 21.81 -32.99
C PRO D 101 25.61 21.48 -33.93
N ALA D 102 26.26 22.52 -34.46
CA ALA D 102 27.41 22.36 -35.35
C ALA D 102 28.61 21.81 -34.60
N ALA D 103 28.84 22.34 -33.40
CA ALA D 103 29.94 21.89 -32.54
C ALA D 103 29.81 20.42 -32.19
N LEU D 104 28.58 20.00 -31.91
CA LEU D 104 28.30 18.60 -31.58
C LEU D 104 28.59 17.71 -32.79
N ASP D 105 28.16 18.16 -33.97
CA ASP D 105 28.39 17.38 -35.18
C ASP D 105 29.88 17.25 -35.48
N ALA D 106 30.64 18.32 -35.24
CA ALA D 106 32.09 18.30 -35.47
C ALA D 106 32.76 17.33 -34.52
N LEU D 107 32.30 17.32 -33.27
CA LEU D 107 32.82 16.44 -32.24
C LEU D 107 32.62 14.97 -32.62
N VAL D 108 31.40 14.62 -33.02
CA VAL D 108 31.08 13.23 -33.41
C VAL D 108 31.95 12.75 -34.56
N ARG D 109 32.14 13.59 -35.57
CA ARG D 109 32.98 13.22 -36.72
C ARG D 109 34.42 13.00 -36.27
N ARG D 110 34.88 13.81 -35.33
CA ARG D 110 36.23 13.71 -34.80
C ARG D 110 36.42 12.43 -33.98
N GLU D 111 35.45 12.12 -33.14
CA GLU D 111 35.53 10.92 -32.28
C GLU D 111 35.47 9.66 -33.12
N ILE D 112 34.66 9.68 -34.18
CA ILE D 112 34.53 8.55 -35.11
C ILE D 112 35.86 8.34 -35.83
N ALA D 113 36.43 9.43 -36.33
CA ALA D 113 37.70 9.38 -37.06
C ALA D 113 38.84 8.89 -36.17
N ALA D 114 38.82 9.28 -34.90
CA ALA D 114 39.86 8.86 -33.96
C ALA D 114 39.94 7.33 -33.90
N GLN D 115 38.78 6.68 -33.97
CA GLN D 115 38.72 5.23 -33.91
C GLN D 115 38.76 4.51 -35.25
N LEU D 116 38.05 5.04 -36.25
CA LEU D 116 37.96 4.37 -37.55
C LEU D 116 38.51 5.08 -38.78
N ASP D 117 39.30 6.14 -38.58
CA ASP D 117 39.89 6.90 -39.69
C ASP D 117 40.45 6.02 -40.81
N GLY D 118 39.92 6.22 -42.02
CA GLY D 118 40.38 5.47 -43.17
C GLY D 118 39.62 4.20 -43.53
N SER D 119 39.02 3.56 -42.53
CA SER D 119 38.28 2.33 -42.76
C SER D 119 36.85 2.58 -43.27
N PRO D 120 36.24 1.57 -43.94
CA PRO D 120 34.88 1.70 -44.48
C PRO D 120 33.86 1.93 -43.35
N ALA D 121 34.16 1.42 -42.16
CA ALA D 121 33.31 1.57 -40.98
C ALA D 121 33.10 3.05 -40.65
N GLN D 122 34.12 3.87 -40.94
CA GLN D 122 34.05 5.31 -40.71
C GLN D 122 32.86 5.93 -41.44
N ALA D 123 32.75 5.63 -42.74
CA ALA D 123 31.66 6.15 -43.57
C ALA D 123 30.32 5.61 -43.08
N GLU D 124 30.30 4.35 -42.66
CA GLU D 124 29.09 3.71 -42.16
C GLU D 124 28.60 4.35 -40.85
N ALA D 125 29.54 4.62 -39.95
CA ALA D 125 29.23 5.25 -38.66
C ALA D 125 28.63 6.64 -38.86
N LEU D 126 29.15 7.36 -39.85
CA LEU D 126 28.66 8.69 -40.18
C LEU D 126 27.23 8.60 -40.71
N GLY D 127 26.92 7.48 -41.35
CA GLY D 127 25.60 7.25 -41.88
C GLY D 127 24.61 7.00 -40.75
N VAL D 128 25.03 6.20 -39.78
CA VAL D 128 24.21 5.89 -38.61
C VAL D 128 23.97 7.17 -37.82
N TRP D 129 24.99 8.00 -37.74
CA TRP D 129 24.90 9.27 -37.04
C TRP D 129 23.78 10.12 -37.62
N ARG D 130 23.81 10.30 -38.94
CA ARG D 130 22.80 11.08 -39.65
C ARG D 130 21.42 10.49 -39.40
N ARG D 131 21.35 9.15 -39.46
CA ARG D 131 20.12 8.41 -39.24
C ARG D 131 19.63 8.56 -37.80
N TYR D 132 20.57 8.63 -36.84
CA TYR D 132 20.24 8.78 -35.43
C TYR D 132 19.70 10.18 -35.17
N ARG D 133 20.34 11.19 -35.77
CA ARG D 133 19.90 12.57 -35.64
C ARG D 133 18.53 12.75 -36.29
N ALA D 134 18.24 11.93 -37.30
CA ALA D 134 16.96 11.98 -37.99
C ALA D 134 15.89 11.47 -37.03
N TYR D 135 16.26 10.51 -36.19
CA TYR D 135 15.36 9.97 -35.18
C TYR D 135 14.91 11.03 -34.20
N PHE D 136 15.89 11.70 -33.60
CA PHE D 136 15.60 12.74 -32.61
C PHE D 136 14.75 13.87 -33.17
N ASP D 137 15.06 14.30 -34.39
CA ASP D 137 14.30 15.37 -35.03
C ASP D 137 12.90 14.89 -35.40
N ALA D 138 12.78 13.59 -35.68
CA ALA D 138 11.49 12.98 -36.02
C ALA D 138 10.57 12.91 -34.81
N LEU D 139 10.93 13.64 -33.75
CA LEU D 139 10.11 13.66 -32.56
C LEU D 139 9.25 14.90 -32.57
N ALA D 140 9.66 15.94 -33.32
CA ALA D 140 8.94 17.22 -33.42
C ALA D 140 7.44 16.98 -33.43
N GLN D 141 7.06 15.81 -33.93
CA GLN D 141 5.68 15.37 -33.98
C GLN D 141 5.32 14.71 -32.66
N LEU D 142 5.25 13.37 -32.65
CA LEU D 142 4.90 12.59 -31.46
C LEU D 142 3.49 12.95 -30.98
N PRO D 143 2.73 11.94 -30.59
CA PRO D 143 1.36 12.15 -30.13
C PRO D 143 1.33 12.73 -28.71
N GLY D 144 1.25 14.05 -28.60
CA GLY D 144 1.19 14.73 -27.31
C GLY D 144 -0.16 14.46 -26.68
N ASP D 145 -1.21 15.11 -27.20
CA ASP D 145 -2.58 14.94 -26.73
C ASP D 145 -2.89 15.58 -25.38
N GLY D 146 -3.36 14.76 -24.43
CA GLY D 146 -3.73 15.21 -23.11
C GLY D 146 -2.74 16.05 -22.34
N ALA D 147 -2.18 15.49 -21.26
CA ALA D 147 -1.22 16.16 -20.38
C ALA D 147 -1.92 17.05 -19.40
N VAL D 148 -2.21 16.51 -18.22
CA VAL D 148 -2.88 17.26 -17.17
C VAL D 148 -1.92 17.45 -16.00
N LEU D 149 -1.77 18.70 -15.56
CA LEU D 149 -0.89 19.01 -14.44
C LEU D 149 -1.28 18.16 -13.23
N GLY D 150 -0.31 17.43 -12.69
CA GLY D 150 -0.56 16.58 -11.56
C GLY D 150 -1.05 15.24 -12.04
N ASP D 151 -2.28 15.19 -12.55
CA ASP D 151 -2.91 13.98 -13.07
C ASP D 151 -2.44 12.73 -12.34
N LYS D 152 -2.24 11.63 -13.06
CA LYS D 152 -1.78 10.37 -12.50
C LYS D 152 -1.13 9.54 -13.61
N LEU D 153 -0.38 8.52 -13.20
CA LEU D 153 0.30 7.62 -14.14
C LEU D 153 -0.73 6.91 -15.01
N ASP D 154 -0.27 6.33 -16.12
CA ASP D 154 -1.17 5.63 -17.02
C ASP D 154 -0.39 4.65 -17.90
N PRO D 155 -0.25 3.40 -17.45
CA PRO D 155 0.47 2.35 -18.19
C PRO D 155 -0.01 2.17 -19.63
N ALA D 156 -1.28 2.49 -19.87
CA ALA D 156 -1.88 2.38 -21.21
C ALA D 156 -1.28 3.43 -22.15
N ALA D 157 -1.16 4.66 -21.66
CA ALA D 157 -0.59 5.77 -22.43
C ALA D 157 0.88 5.50 -22.74
N MET D 158 1.62 5.06 -21.73
CA MET D 158 3.04 4.74 -21.87
C MET D 158 3.25 3.61 -22.86
N GLN D 159 2.35 2.62 -22.84
CA GLN D 159 2.43 1.49 -23.77
C GLN D 159 2.31 1.96 -25.20
N LEU D 160 1.32 2.84 -25.45
CA LEU D 160 1.09 3.39 -26.77
C LEU D 160 2.30 4.19 -27.25
N ALA D 161 2.85 5.01 -26.35
CA ALA D 161 4.03 5.83 -26.63
C ALA D 161 5.21 4.97 -27.06
N LEU D 162 5.45 3.87 -26.34
CA LEU D 162 6.53 2.94 -26.67
C LEU D 162 6.32 2.35 -28.05
N ASP D 163 5.05 2.09 -28.39
CA ASP D 163 4.68 1.55 -29.69
C ASP D 163 4.97 2.56 -30.79
N GLN D 164 4.67 3.83 -30.52
CA GLN D 164 4.90 4.91 -31.46
C GLN D 164 6.38 5.06 -31.78
N ARG D 165 7.19 5.23 -30.73
CA ARG D 165 8.65 5.37 -30.88
C ARG D 165 9.25 4.13 -31.52
N ALA D 166 8.64 2.97 -31.27
CA ALA D 166 9.10 1.71 -31.84
C ALA D 166 8.93 1.70 -33.35
N ALA D 167 7.77 2.18 -33.81
CA ALA D 167 7.47 2.26 -35.24
C ALA D 167 8.35 3.31 -35.90
N LEU D 168 8.44 4.46 -35.24
CA LEU D 168 9.26 5.57 -35.72
C LEU D 168 10.71 5.11 -35.89
N ALA D 169 11.27 4.57 -34.81
CA ALA D 169 12.65 4.05 -34.82
C ALA D 169 12.79 2.92 -35.82
N ASP D 170 11.68 2.26 -36.13
CA ASP D 170 11.66 1.16 -37.09
C ASP D 170 11.90 1.64 -38.51
N ARG D 171 11.64 2.92 -38.76
CA ARG D 171 11.84 3.50 -40.09
C ARG D 171 12.91 4.58 -40.11
N THR D 172 12.94 5.43 -39.10
CA THR D 172 13.92 6.50 -39.02
C THR D 172 15.34 5.94 -38.87
N LEU D 173 15.46 4.87 -38.10
CA LEU D 173 16.72 4.18 -37.86
C LEU D 173 16.87 2.96 -38.72
N GLY D 174 15.76 2.55 -39.35
CA GLY D 174 15.78 1.39 -40.22
C GLY D 174 16.19 0.10 -39.52
N GLU D 175 17.19 -0.58 -40.10
CA GLU D 175 17.71 -1.83 -39.57
C GLU D 175 18.46 -1.68 -38.24
N TRP D 176 18.72 -0.45 -37.84
CA TRP D 176 19.41 -0.17 -36.59
C TRP D 176 18.45 0.01 -35.43
N ALA D 177 17.15 -0.18 -35.68
CA ALA D 177 16.12 -0.04 -34.66
C ALA D 177 16.21 -1.09 -33.56
N GLU D 178 16.33 -2.35 -33.98
CA GLU D 178 16.44 -3.46 -33.05
C GLU D 178 17.67 -3.41 -32.13
N PRO D 179 18.88 -3.25 -32.70
CA PRO D 179 20.07 -3.19 -31.85
C PRO D 179 20.10 -1.94 -30.97
N PHE D 180 19.46 -0.87 -31.43
CA PHE D 180 19.41 0.39 -30.69
C PHE D 180 18.40 0.40 -29.54
N PHE D 181 17.16 0.05 -29.85
CA PHE D 181 16.09 0.09 -28.86
C PHE D 181 15.43 -1.23 -28.53
N GLY D 182 15.90 -2.33 -29.12
CA GLY D 182 15.32 -3.64 -28.87
C GLY D 182 15.18 -4.00 -27.41
N ASP D 183 16.31 -4.10 -26.70
CA ASP D 183 16.31 -4.45 -25.28
C ASP D 183 15.58 -3.44 -24.42
N GLU D 184 15.81 -2.15 -24.68
CA GLU D 184 15.17 -1.07 -23.94
C GLU D 184 13.65 -1.19 -24.01
N GLN D 185 13.13 -1.41 -25.22
CA GLN D 185 11.70 -1.58 -25.44
C GLN D 185 11.14 -2.75 -24.64
N ARG D 186 11.85 -3.88 -24.66
CA ARG D 186 11.45 -5.07 -23.93
C ARG D 186 11.45 -4.86 -22.42
N ARG D 187 12.47 -4.19 -21.90
CA ARG D 187 12.56 -3.92 -20.47
C ARG D 187 11.43 -3.01 -20.02
N GLN D 188 11.16 -1.95 -20.79
CA GLN D 188 10.10 -1.01 -20.47
C GLN D 188 8.72 -1.64 -20.49
N ARG D 189 8.46 -2.43 -21.53
CA ARG D 189 7.18 -3.13 -21.66
C ARG D 189 7.00 -4.13 -20.52
N HIS D 190 8.09 -4.81 -20.16
CA HIS D 190 8.10 -5.78 -19.07
C HIS D 190 7.77 -5.09 -17.74
N ASP D 191 8.37 -3.93 -17.50
CA ASP D 191 8.13 -3.18 -16.27
C ASP D 191 6.73 -2.58 -16.21
N LEU D 192 6.18 -2.22 -17.36
CA LEU D 192 4.83 -1.67 -17.41
C LEU D 192 3.83 -2.75 -17.04
N GLU D 193 4.17 -4.00 -17.35
CA GLU D 193 3.32 -5.12 -17.03
C GLU D 193 3.36 -5.40 -15.54
N ARG D 194 4.55 -5.28 -14.96
CA ARG D 194 4.75 -5.50 -13.53
C ARG D 194 3.97 -4.45 -12.74
N ILE D 195 3.93 -3.22 -13.27
CA ILE D 195 3.19 -2.14 -12.65
C ILE D 195 1.69 -2.46 -12.66
N ARG D 196 1.19 -2.98 -13.78
CA ARG D 196 -0.23 -3.34 -13.88
C ARG D 196 -0.58 -4.39 -12.82
N ILE D 197 0.24 -5.43 -12.73
CA ILE D 197 0.04 -6.50 -11.74
C ILE D 197 0.04 -5.93 -10.32
N ALA D 198 1.02 -5.07 -10.04
CA ALA D 198 1.16 -4.44 -8.73
C ALA D 198 -0.08 -3.63 -8.35
N ASN D 199 -0.70 -3.00 -9.33
CA ASN D 199 -1.88 -2.17 -9.10
C ASN D 199 -3.22 -2.83 -9.42
N ASP D 200 -3.20 -4.13 -9.69
CA ASP D 200 -4.44 -4.84 -9.98
C ASP D 200 -5.14 -5.15 -8.66
N THR D 201 -6.23 -4.43 -8.41
CA THR D 201 -7.02 -4.58 -7.18
C THR D 201 -7.77 -5.90 -7.05
N THR D 202 -7.91 -6.63 -8.16
CA THR D 202 -8.62 -7.90 -8.16
C THR D 202 -7.72 -9.09 -7.85
N LEU D 203 -6.44 -8.82 -7.62
CA LEU D 203 -5.48 -9.87 -7.32
C LEU D 203 -5.02 -9.89 -5.88
N SER D 204 -4.88 -11.09 -5.33
CA SER D 204 -4.43 -11.27 -3.96
C SER D 204 -2.90 -11.29 -3.96
N PRO D 205 -2.25 -11.08 -2.78
CA PRO D 205 -0.79 -11.08 -2.72
C PRO D 205 -0.18 -12.31 -3.40
N GLU D 206 -0.80 -13.47 -3.20
CA GLU D 206 -0.36 -14.72 -3.81
C GLU D 206 -0.65 -14.77 -5.30
N GLN D 207 -1.78 -14.21 -5.71
CA GLN D 207 -2.15 -14.18 -7.13
C GLN D 207 -1.20 -13.28 -7.92
N LYS D 208 -0.82 -12.15 -7.32
CA LYS D 208 0.11 -11.22 -7.97
C LYS D 208 1.47 -11.90 -8.10
N ALA D 209 1.86 -12.63 -7.06
CA ALA D 209 3.12 -13.36 -7.04
C ALA D 209 3.20 -14.38 -8.17
N ALA D 210 2.10 -15.09 -8.41
CA ALA D 210 2.01 -16.09 -9.46
C ALA D 210 2.07 -15.44 -10.85
N ARG D 211 1.38 -14.31 -10.97
CA ARG D 211 1.31 -13.55 -12.22
C ARG D 211 2.67 -12.94 -12.56
N LEU D 212 3.39 -12.47 -11.54
CA LEU D 212 4.72 -11.88 -11.75
C LEU D 212 5.72 -12.97 -12.09
N ALA D 213 5.62 -14.11 -11.41
CA ALA D 213 6.50 -15.25 -11.64
C ALA D 213 6.39 -15.74 -13.09
N ALA D 214 5.15 -15.88 -13.56
CA ALA D 214 4.89 -16.32 -14.94
C ALA D 214 5.34 -15.28 -15.94
N LEU D 215 5.37 -14.02 -15.50
CA LEU D 215 5.79 -12.91 -16.34
C LEU D 215 7.29 -12.95 -16.65
N ASP D 216 8.07 -13.51 -15.73
CA ASP D 216 9.52 -13.60 -15.94
C ASP D 216 9.89 -14.70 -16.93
N ALA D 217 8.91 -15.49 -17.34
CA ALA D 217 9.12 -16.56 -18.31
C ALA D 217 9.29 -15.96 -19.70
N GLN D 218 8.63 -14.83 -19.93
CA GLN D 218 8.70 -14.13 -21.21
C GLN D 218 10.04 -13.41 -21.37
N LEU D 219 10.88 -13.51 -20.34
CA LEU D 219 12.19 -12.90 -20.33
C LEU D 219 13.20 -13.73 -21.12
N THR D 220 14.14 -13.06 -21.76
CA THR D 220 15.17 -13.73 -22.55
C THR D 220 16.17 -14.44 -21.63
N PRO D 221 16.86 -15.50 -22.12
CA PRO D 221 17.83 -16.22 -21.30
C PRO D 221 18.95 -15.32 -20.76
N ASP D 222 19.33 -14.32 -21.56
CA ASP D 222 20.38 -13.39 -21.18
C ASP D 222 19.90 -12.47 -20.05
N GLU D 223 18.68 -11.94 -20.20
CA GLU D 223 18.11 -11.06 -19.20
C GLU D 223 17.82 -11.81 -17.90
N ARG D 224 17.46 -13.09 -18.02
CA ARG D 224 17.19 -13.93 -16.86
C ARG D 224 18.47 -14.21 -16.09
N ALA D 225 19.55 -14.49 -16.83
CA ALA D 225 20.85 -14.78 -16.21
C ALA D 225 21.38 -13.53 -15.53
N GLN D 226 21.11 -12.37 -16.12
CA GLN D 226 21.54 -11.08 -15.58
C GLN D 226 20.87 -10.83 -14.22
N GLN D 227 19.57 -11.11 -14.15
CA GLN D 227 18.80 -10.94 -12.92
C GLN D 227 19.19 -11.94 -11.85
N ALA D 228 19.44 -13.18 -12.25
CA ALA D 228 19.84 -14.24 -11.31
C ALA D 228 21.17 -13.87 -10.65
N ALA D 229 22.11 -13.38 -11.47
CA ALA D 229 23.42 -12.94 -10.98
C ALA D 229 23.25 -11.75 -10.06
N LEU D 230 22.24 -10.93 -10.34
CA LEU D 230 21.93 -9.76 -9.53
C LEU D 230 21.39 -10.21 -8.18
N HIS D 231 20.50 -11.20 -8.20
CA HIS D 231 19.90 -11.73 -6.98
C HIS D 231 20.93 -12.42 -6.10
N ALA D 232 21.88 -13.11 -6.73
CA ALA D 232 22.95 -13.80 -6.01
C ALA D 232 23.83 -12.80 -5.29
N GLN D 233 24.13 -11.69 -5.97
CA GLN D 233 24.93 -10.61 -5.41
C GLN D 233 24.23 -10.03 -4.18
N GLN D 234 22.93 -9.80 -4.29
CA GLN D 234 22.10 -9.26 -3.21
C GLN D 234 22.08 -10.22 -2.02
N ASP D 235 21.79 -11.49 -2.31
CA ASP D 235 21.71 -12.55 -1.30
C ASP D 235 22.94 -12.64 -0.41
N ALA D 236 24.13 -12.44 -0.99
CA ALA D 236 25.39 -12.49 -0.23
C ALA D 236 25.38 -11.43 0.88
N VAL D 237 25.00 -10.21 0.51
CA VAL D 237 24.93 -9.11 1.46
C VAL D 237 23.80 -9.32 2.46
N THR D 238 22.67 -9.83 1.98
CA THR D 238 21.51 -10.09 2.84
C THR D 238 21.83 -11.10 3.94
N LYS D 239 22.65 -12.09 3.61
CA LYS D 239 23.04 -13.12 4.59
C LYS D 239 23.73 -12.48 5.78
N ILE D 240 24.59 -11.50 5.51
CA ILE D 240 25.31 -10.78 6.56
C ILE D 240 24.33 -9.91 7.36
N ALA D 241 23.47 -9.17 6.67
CA ALA D 241 22.50 -8.29 7.31
C ALA D 241 21.53 -9.04 8.21
N ASP D 242 21.09 -10.23 7.76
CA ASP D 242 20.17 -11.03 8.55
C ASP D 242 20.81 -11.53 9.84
N LEU D 243 22.09 -11.89 9.77
CA LEU D 243 22.82 -12.35 10.94
C LEU D 243 23.02 -11.24 11.97
N GLN D 244 23.17 -10.01 11.49
CA GLN D 244 23.34 -8.87 12.37
C GLN D 244 22.03 -8.59 13.11
N LYS D 245 20.91 -8.69 12.39
CA LYS D 245 19.59 -8.46 12.96
C LYS D 245 19.26 -9.50 14.03
N ALA D 246 19.75 -10.72 13.83
CA ALA D 246 19.54 -11.82 14.77
C ALA D 246 20.46 -11.70 15.99
N GLY D 247 21.38 -10.73 15.95
CA GLY D 247 22.31 -10.51 17.04
C GLY D 247 23.38 -11.57 17.15
N ALA D 248 23.86 -12.05 16.00
CA ALA D 248 24.89 -13.07 15.98
C ALA D 248 26.20 -12.53 16.54
N THR D 249 26.90 -13.37 17.30
CA THR D 249 28.18 -12.99 17.89
C THR D 249 29.19 -13.02 16.73
N PRO D 250 30.40 -12.43 16.92
CA PRO D 250 31.39 -12.46 15.84
C PRO D 250 31.74 -13.89 15.40
N ASP D 251 31.78 -14.82 16.36
CA ASP D 251 32.09 -16.21 16.03
C ASP D 251 30.94 -16.91 15.31
N GLN D 252 29.70 -16.56 15.66
CA GLN D 252 28.54 -17.14 15.00
C GLN D 252 28.49 -16.61 13.58
N MET D 253 28.83 -15.33 13.43
CA MET D 253 28.87 -14.68 12.13
C MET D 253 29.92 -15.35 11.25
N ARG D 254 31.10 -15.63 11.82
CA ARG D 254 32.17 -16.26 11.06
C ARG D 254 31.78 -17.65 10.57
N ALA D 255 31.27 -18.50 11.45
CA ALA D 255 30.87 -19.86 11.08
C ALA D 255 29.75 -19.89 10.04
N GLN D 256 28.70 -19.10 10.26
CA GLN D 256 27.56 -19.04 9.35
C GLN D 256 27.87 -18.49 7.97
N ILE D 257 28.62 -17.38 7.92
CA ILE D 257 28.98 -16.78 6.64
C ILE D 257 29.92 -17.70 5.87
N ALA D 258 30.83 -18.38 6.58
CA ALA D 258 31.77 -19.30 5.94
C ALA D 258 31.05 -20.38 5.16
N GLN D 259 29.91 -20.81 5.67
CA GLN D 259 29.09 -21.84 5.04
C GLN D 259 28.62 -21.53 3.63
N THR D 260 28.45 -20.24 3.33
CA THR D 260 27.99 -19.85 2.00
C THR D 260 28.97 -19.00 1.21
N LEU D 261 29.49 -17.95 1.84
CA LEU D 261 30.42 -17.04 1.18
C LEU D 261 31.88 -17.45 1.20
N GLY D 262 32.23 -18.37 2.09
CA GLY D 262 33.61 -18.81 2.16
C GLY D 262 34.31 -18.20 3.35
N PRO D 263 35.52 -18.68 3.68
CA PRO D 263 36.31 -18.20 4.82
C PRO D 263 36.79 -16.75 4.79
N GLU D 264 37.10 -16.24 3.61
CA GLU D 264 37.58 -14.86 3.45
C GLU D 264 36.51 -13.87 3.88
N ALA D 265 35.32 -13.99 3.30
CA ALA D 265 34.19 -13.12 3.64
C ALA D 265 33.77 -13.32 5.09
N ALA D 266 33.90 -14.56 5.57
CA ALA D 266 33.56 -14.90 6.95
C ALA D 266 34.41 -14.12 7.94
N ALA D 267 35.71 -14.07 7.66
CA ALA D 267 36.66 -13.35 8.50
C ALA D 267 36.35 -11.86 8.53
N ARG D 268 36.02 -11.30 7.36
CA ARG D 268 35.69 -9.88 7.25
C ARG D 268 34.38 -9.53 7.96
N ALA D 269 33.38 -10.40 7.83
CA ALA D 269 32.08 -10.19 8.47
C ALA D 269 32.20 -10.29 9.99
N ALA D 270 33.05 -11.22 10.44
CA ALA D 270 33.29 -11.44 11.87
C ALA D 270 33.96 -10.22 12.49
N GLN D 271 34.95 -9.69 11.78
CA GLN D 271 35.71 -8.51 12.22
C GLN D 271 34.79 -7.30 12.26
N MET D 272 33.84 -7.25 11.32
CA MET D 272 32.87 -6.16 11.24
C MET D 272 31.99 -6.19 12.47
N GLN D 273 31.49 -7.37 12.81
CA GLN D 273 30.64 -7.55 13.98
C GLN D 273 31.38 -7.22 15.26
N GLN D 274 32.66 -7.62 15.32
CA GLN D 274 33.49 -7.35 16.47
C GLN D 274 33.68 -5.84 16.66
N ASP D 275 34.01 -5.15 15.57
CA ASP D 275 34.19 -3.70 15.61
C ASP D 275 32.92 -2.96 15.99
N ASP D 276 31.78 -3.44 15.49
CA ASP D 276 30.48 -2.83 15.80
C ASP D 276 30.11 -2.98 17.27
N GLU D 277 30.45 -4.13 17.84
CA GLU D 277 30.17 -4.40 19.25
C GLU D 277 31.07 -3.55 20.14
N ALA D 278 32.30 -3.33 19.71
CA ALA D 278 33.26 -2.50 20.44
C ALA D 278 32.77 -1.05 20.43
N TRP D 279 32.19 -0.64 19.31
CA TRP D 279 31.66 0.71 19.18
C TRP D 279 30.42 0.87 20.04
N GLN D 280 29.49 -0.09 19.95
CA GLN D 280 28.25 -0.03 20.72
C GLN D 280 28.51 0.00 22.21
N THR D 281 29.57 -0.68 22.65
CA THR D 281 29.94 -0.72 24.07
C THR D 281 30.41 0.67 24.53
N ARG D 282 31.25 1.31 23.71
CA ARG D 282 31.77 2.63 24.02
C ARG D 282 30.69 3.71 24.00
N TYR D 283 29.80 3.65 23.01
CA TYR D 283 28.73 4.62 22.89
C TYR D 283 27.71 4.47 24.03
N GLN D 284 27.38 3.24 24.37
CA GLN D 284 26.43 2.97 25.45
C GLN D 284 26.95 3.52 26.76
N ALA D 285 28.25 3.32 27.02
CA ALA D 285 28.91 3.82 28.23
C ALA D 285 28.91 5.34 28.23
N TYR D 286 29.19 5.92 27.06
CA TYR D 286 29.21 7.36 26.89
C TYR D 286 27.81 7.92 27.14
N ALA D 287 26.80 7.29 26.54
CA ALA D 287 25.41 7.70 26.68
C ALA D 287 24.97 7.71 28.14
N ALA D 288 25.58 6.83 28.94
CA ALA D 288 25.29 6.73 30.36
C ALA D 288 25.76 8.00 31.06
N GLU D 289 27.00 8.40 30.78
CA GLU D 289 27.60 9.61 31.34
C GLU D 289 26.91 10.84 30.76
N ARG D 290 26.49 10.76 29.50
CA ARG D 290 25.81 11.85 28.82
C ARG D 290 24.50 12.17 29.53
N ASP D 291 23.70 11.13 29.77
CA ASP D 291 22.41 11.27 30.46
C ASP D 291 22.62 11.81 31.87
N ARG D 292 23.79 11.53 32.44
CA ARG D 292 24.14 12.00 33.77
C ARG D 292 24.27 13.52 33.75
N ILE D 293 24.85 14.05 32.67
CA ILE D 293 25.02 15.49 32.50
C ILE D 293 23.67 16.17 32.31
N ALA D 294 22.82 15.57 31.49
CA ALA D 294 21.49 16.10 31.23
C ALA D 294 20.56 15.94 32.42
N ALA D 295 21.07 15.31 33.48
CA ALA D 295 20.31 15.09 34.70
C ALA D 295 20.77 16.04 35.81
N GLN D 296 21.27 17.21 35.41
CA GLN D 296 21.74 18.20 36.37
C GLN D 296 20.94 19.49 36.26
N GLY D 297 19.81 19.43 35.55
CA GLY D 297 18.95 20.58 35.37
C GLY D 297 19.62 21.75 34.66
N LEU D 298 20.83 21.53 34.15
CA LEU D 298 21.61 22.55 33.45
C LEU D 298 20.79 23.19 32.33
N ALA D 299 21.18 24.40 31.93
CA ALA D 299 20.49 25.14 30.89
C ALA D 299 20.53 24.37 29.57
N PRO D 300 19.42 24.41 28.78
CA PRO D 300 19.33 23.72 27.50
C PRO D 300 20.44 24.08 26.50
N GLN D 301 21.29 25.02 26.88
CA GLN D 301 22.40 25.47 26.04
C GLN D 301 23.74 24.88 26.50
N ASP D 302 24.20 25.30 27.68
CA ASP D 302 25.46 24.82 28.23
C ASP D 302 25.47 23.30 28.42
N ARG D 303 24.28 22.71 28.57
CA ARG D 303 24.13 21.27 28.74
C ARG D 303 24.68 20.57 27.52
N ASP D 304 24.16 20.94 26.35
CA ASP D 304 24.60 20.38 25.08
C ASP D 304 26.06 20.72 24.84
N ALA D 305 26.51 21.85 25.40
CA ALA D 305 27.90 22.28 25.28
C ALA D 305 28.79 21.34 26.07
N ARG D 306 28.36 20.97 27.27
CA ARG D 306 29.10 20.05 28.13
C ARG D 306 29.14 18.66 27.50
N ILE D 307 27.99 18.22 26.99
CA ILE D 307 27.88 16.91 26.33
C ILE D 307 28.84 16.87 25.14
N ALA D 308 28.89 17.97 24.38
CA ALA D 308 29.77 18.08 23.23
C ALA D 308 31.23 17.93 23.65
N GLN D 309 31.53 18.35 24.88
CA GLN D 309 32.87 18.27 25.44
C GLN D 309 33.23 16.83 25.82
N LEU D 310 32.30 16.15 26.50
CA LEU D 310 32.51 14.76 26.90
C LEU D 310 32.68 13.92 25.63
N ARG D 311 31.87 14.23 24.63
CA ARG D 311 31.89 13.56 23.34
C ARG D 311 33.27 13.69 22.71
N GLN D 312 33.82 14.91 22.73
CA GLN D 312 35.13 15.21 22.18
C GLN D 312 36.24 14.43 22.89
N GLN D 313 36.05 14.19 24.19
CA GLN D 313 37.03 13.47 24.99
C GLN D 313 36.90 11.96 24.86
N THR D 314 35.69 11.50 24.54
CA THR D 314 35.42 10.06 24.40
C THR D 314 35.72 9.51 23.00
N PHE D 315 35.44 10.33 21.98
CA PHE D 315 35.63 9.90 20.60
C PHE D 315 36.72 10.69 19.88
N THR D 316 37.89 10.08 19.75
CA THR D 316 39.04 10.72 19.14
C THR D 316 39.46 10.22 17.77
N ALA D 317 39.00 9.02 17.39
CA ALA D 317 39.35 8.47 16.08
C ALA D 317 38.58 9.18 14.96
N PRO D 318 39.15 9.24 13.75
CA PRO D 318 38.50 9.90 12.61
C PRO D 318 37.03 9.58 12.41
N GLY D 319 36.21 10.64 12.45
CA GLY D 319 34.78 10.50 12.26
C GLY D 319 33.94 10.09 13.45
N GLU D 320 34.57 9.63 14.53
CA GLU D 320 33.81 9.18 15.69
C GLU D 320 32.99 10.26 16.40
N ALA D 321 33.57 11.46 16.56
CA ALA D 321 32.86 12.56 17.22
C ALA D 321 31.68 13.03 16.36
N ILE D 322 31.88 13.03 15.04
CA ILE D 322 30.83 13.41 14.11
C ILE D 322 29.68 12.41 14.23
N ARG D 323 30.04 11.13 14.25
CA ARG D 323 29.06 10.05 14.36
C ARG D 323 28.29 10.07 15.66
N ALA D 324 29.02 10.23 16.78
CA ALA D 324 28.37 10.26 18.10
C ALA D 324 27.39 11.43 18.20
N ALA D 325 27.76 12.57 17.61
CA ALA D 325 26.89 13.75 17.61
C ALA D 325 25.58 13.45 16.91
N SER D 326 25.67 12.74 15.79
CA SER D 326 24.49 12.35 15.01
C SER D 326 23.61 11.43 15.81
N LEU D 327 24.22 10.45 16.48
CA LEU D 327 23.47 9.51 17.30
C LEU D 327 22.72 10.20 18.42
N ASP D 328 23.35 11.22 19.01
CA ASP D 328 22.71 11.99 20.09
C ASP D 328 21.54 12.83 19.60
N ARG D 329 21.62 13.31 18.35
CA ARG D 329 20.55 14.11 17.77
C ARG D 329 19.28 13.30 17.55
N GLY D 330 19.46 12.00 17.30
CA GLY D 330 18.34 11.11 17.07
C GLY D 330 17.58 11.43 15.79
CA CA E . -11.52 -8.74 18.59
I IOD F . -28.88 -34.73 32.26
CA CA G . 11.17 12.16 -17.02
I IOD H . 22.31 -5.12 -4.99
I IOD I . 40.02 18.88 3.47
I IOD J . 25.21 28.91 -2.91
I IOD K . 22.27 30.24 -11.95
I IOD L . 39.87 15.29 -21.26
I IOD M . 36.01 19.61 -32.71
I IOD N . 34.67 13.68 -41.43
#